data_6FJK
#
_entry.id   6FJK
#
_cell.length_a   59.810
_cell.length_b   60.340
_cell.length_c   83.980
_cell.angle_alpha   88.530
_cell.angle_beta   89.180
_cell.angle_gamma   63.360
#
_symmetry.space_group_name_H-M   'P 1'
#
loop_
_entity.id
_entity.type
_entity.pdbx_description
1 polymer 'Inositol-pentakisphosphate 2-kinase'
2 non-polymer 'INOSITOL HEXAKISPHOSPHATE'
3 non-polymer "ADENOSINE-5'-DIPHOSPHATE"
4 non-polymer 'MAGNESIUM ION'
5 non-polymer 'ZINC ION'
6 non-polymer 2-AMINO-2-HYDROXYMETHYL-PROPANE-1,3-DIOL
7 water water
#
_entity_poly.entity_id   1
_entity_poly.type   'polypeptide(L)'
_entity_poly.pdbx_seq_one_letter_code
;MAHHHHHHSSGLEVLFQGPMEMILEEKDASDWIYRGEGGANLVLAYAGSSPLFVGKVIRIQKARRNDKAIKNSNGVVSVL
TSDEQHLWRENNELISSPNKEVLEQRYVQNVIIPLLGPKHVDAGVRVSVSKEFLECVDKKVTKQRPLWRVNAANVDTSHD
SALILNDHSLFSQGITSGGDCISVEIKPKCGFLPTSRFIGKENMLKTSVSRFKMHQLLKLEYIEISEESEYDPLDLFSGS
KERVLEAIKALYSTPQNNFRVFLNGSLILGGSGESTGRTSPEIGYAFEDALKGFIQSEDGHRTECFLQLVSDAVYGSGVL
DRLLEIQKLDKLDIEGAIHCYYDIINQPCPICKEGRPLEAELSLHALPLDESLKIVKEYLIAATAKDCSIMISFQSRNAW
DSEPSGDYVSLKPTNQTFDYKVHFIDLSLKPLKRMESYYKLDKKIISFYNRKQKAENTAEQIGNSKPSHS
;
_entity_poly.pdbx_strand_id   A,B
#
loop_
_chem_comp.id
_chem_comp.type
_chem_comp.name
_chem_comp.formula
ADP non-polymer ADENOSINE-5'-DIPHOSPHATE 'C10 H15 N5 O10 P2'
IHP non-polymer 'INOSITOL HEXAKISPHOSPHATE' 'C6 H18 O24 P6'
MG non-polymer 'MAGNESIUM ION' 'Mg 2'
TRS non-polymer 2-AMINO-2-HYDROXYMETHYL-PROPANE-1,3-DIOL 'C4 H12 N O3 1'
ZN non-polymer 'ZINC ION' 'Zn 2'
#
# COMPACT_ATOMS: atom_id res chain seq x y z
N GLU A 13 -14.51 54.27 -36.85
CA GLU A 13 -13.59 53.13 -36.89
C GLU A 13 -12.46 53.32 -35.87
N VAL A 14 -12.14 52.26 -35.14
CA VAL A 14 -11.17 52.30 -34.05
C VAL A 14 -10.23 51.13 -34.19
N LEU A 15 -8.94 51.38 -34.00
CA LEU A 15 -7.91 50.35 -34.16
C LEU A 15 -7.91 49.40 -32.96
N PHE A 16 -8.11 48.12 -33.22
CA PHE A 16 -8.04 47.11 -32.18
C PHE A 16 -6.72 46.35 -32.25
N GLN A 17 -6.30 45.83 -31.10
CA GLN A 17 -5.14 44.95 -31.07
C GLN A 17 -5.38 43.72 -31.92
N GLY A 18 -4.34 43.26 -32.59
CA GLY A 18 -4.37 41.98 -33.26
C GLY A 18 -4.62 40.87 -32.26
N PRO A 19 -4.96 39.68 -32.75
CA PRO A 19 -5.19 38.54 -31.84
C PRO A 19 -3.98 38.27 -30.95
N MET A 20 -4.27 37.96 -29.69
CA MET A 20 -3.23 37.65 -28.71
C MET A 20 -3.77 36.60 -27.74
N GLU A 21 -3.02 35.53 -27.56
CA GLU A 21 -3.47 34.47 -26.68
C GLU A 21 -3.52 34.95 -25.24
N MET A 22 -4.57 34.54 -24.54
CA MET A 22 -4.77 34.93 -23.14
C MET A 22 -3.71 34.27 -22.25
N ILE A 23 -3.20 35.05 -21.30
CA ILE A 23 -2.24 34.56 -20.30
C ILE A 23 -2.72 34.98 -18.92
N LEU A 24 -2.93 34.01 -18.04
CA LEU A 24 -3.30 34.26 -16.65
C LEU A 24 -2.05 34.59 -15.84
N GLU A 25 -2.06 35.74 -15.15
CA GLU A 25 -0.92 36.22 -14.40
C GLU A 25 -1.22 36.19 -12.92
N GLU A 26 -0.19 36.49 -12.12
CA GLU A 26 -0.29 36.41 -10.67
C GLU A 26 -1.53 37.13 -10.15
N LYS A 27 -1.83 38.29 -10.72
CA LYS A 27 -2.94 39.11 -10.23
C LYS A 27 -4.29 38.44 -10.44
N ASP A 28 -4.43 37.62 -11.48
CA ASP A 28 -5.72 37.00 -11.76
C ASP A 28 -6.05 35.85 -10.81
N ALA A 29 -5.09 35.40 -10.00
CA ALA A 29 -5.34 34.27 -9.13
C ALA A 29 -6.48 34.55 -8.16
N SER A 30 -6.71 35.82 -7.81
CA SER A 30 -7.77 36.14 -6.87
C SER A 30 -9.17 35.99 -7.47
N ASP A 31 -9.28 35.85 -8.78
CA ASP A 31 -10.57 35.73 -9.45
C ASP A 31 -11.08 34.30 -9.52
N TRP A 32 -10.42 33.35 -8.87
CA TRP A 32 -10.76 31.95 -9.00
C TRP A 32 -10.93 31.34 -7.62
N ILE A 33 -12.00 30.58 -7.41
CA ILE A 33 -12.27 29.99 -6.10
C ILE A 33 -12.38 28.48 -6.24
N TYR A 34 -12.03 27.78 -5.16
CA TYR A 34 -12.01 26.32 -5.13
C TYR A 34 -13.39 25.75 -5.40
N ARG A 35 -13.49 24.91 -6.43
CA ARG A 35 -14.71 24.14 -6.70
C ARG A 35 -14.58 22.68 -6.25
N GLY A 36 -13.41 22.06 -6.44
CA GLY A 36 -13.21 20.70 -5.98
C GLY A 36 -11.91 20.14 -6.55
N GLU A 37 -11.73 18.83 -6.36
CA GLU A 37 -10.59 18.14 -6.95
C GLU A 37 -10.83 16.65 -6.92
N GLY A 38 -10.25 15.96 -7.90
CA GLY A 38 -10.09 14.52 -7.89
C GLY A 38 -8.67 14.14 -7.53
N GLY A 39 -8.27 12.94 -7.93
CA GLY A 39 -6.88 12.54 -7.70
C GLY A 39 -5.89 13.38 -8.50
N ALA A 40 -6.22 13.69 -9.75
CA ALA A 40 -5.21 14.21 -10.66
C ALA A 40 -5.33 15.70 -10.94
N ASN A 41 -6.50 16.30 -10.68
CA ASN A 41 -6.78 17.68 -11.08
C ASN A 41 -7.47 18.45 -9.97
N LEU A 42 -7.14 19.73 -9.90
CA LEU A 42 -7.84 20.72 -9.08
C LEU A 42 -8.73 21.57 -9.98
N VAL A 43 -9.91 21.94 -9.50
CA VAL A 43 -10.84 22.69 -10.32
C VAL A 43 -11.29 23.95 -9.59
N LEU A 44 -11.25 25.09 -10.28
CA LEU A 44 -11.65 26.37 -9.71
C LEU A 44 -12.70 27.02 -10.58
N ALA A 45 -13.70 27.65 -9.94
CA ALA A 45 -14.73 28.42 -10.61
C ALA A 45 -14.33 29.88 -10.67
N TYR A 46 -14.73 30.56 -11.74
CA TYR A 46 -14.38 31.97 -11.94
C TYR A 46 -15.31 32.88 -11.14
N ALA A 47 -14.71 33.75 -10.35
CA ALA A 47 -15.46 34.62 -9.46
C ALA A 47 -15.48 36.07 -9.93
N GLY A 48 -14.91 36.36 -11.10
CA GLY A 48 -14.82 37.72 -11.60
C GLY A 48 -15.96 38.08 -12.52
N SER A 49 -15.72 39.10 -13.34
CA SER A 49 -16.76 39.63 -14.21
C SER A 49 -16.36 39.64 -15.68
N SER A 50 -15.15 39.20 -16.01
CA SER A 50 -14.69 39.22 -17.39
C SER A 50 -15.51 38.27 -18.26
N PRO A 51 -16.05 38.73 -19.39
CA PRO A 51 -16.86 37.82 -20.22
C PRO A 51 -16.13 36.61 -20.77
N LEU A 52 -14.79 36.61 -20.80
CA LEU A 52 -14.07 35.41 -21.26
C LEU A 52 -14.30 34.24 -20.33
N PHE A 53 -14.57 34.51 -19.05
CA PHE A 53 -14.51 33.51 -18.02
C PHE A 53 -15.80 33.33 -17.23
N VAL A 54 -16.79 34.22 -17.37
CA VAL A 54 -18.04 34.02 -16.65
C VAL A 54 -18.67 32.71 -17.12
N GLY A 55 -19.10 31.89 -16.16
CA GLY A 55 -19.66 30.59 -16.47
C GLY A 55 -18.65 29.53 -16.82
N LYS A 56 -17.37 29.74 -16.54
CA LYS A 56 -16.33 28.76 -16.84
C LYS A 56 -15.64 28.29 -15.56
N VAL A 57 -15.02 27.12 -15.65
CA VAL A 57 -14.10 26.64 -14.63
C VAL A 57 -12.74 26.47 -15.30
N ILE A 58 -11.69 26.55 -14.50
CA ILE A 58 -10.33 26.24 -14.92
C ILE A 58 -9.91 24.91 -14.27
N ARG A 59 -9.29 24.03 -15.05
CA ARG A 59 -8.85 22.71 -14.60
C ARG A 59 -7.33 22.69 -14.54
N ILE A 60 -6.78 22.45 -13.36
CA ILE A 60 -5.34 22.62 -13.11
C ILE A 60 -4.76 21.28 -12.67
N GLN A 61 -3.74 20.81 -13.38
CA GLN A 61 -3.18 19.50 -13.10
C GLN A 61 -2.32 19.55 -11.83
N LYS A 62 -2.41 18.49 -11.04
CA LYS A 62 -1.69 18.39 -9.77
C LYS A 62 -0.42 17.58 -9.96
N ALA A 63 0.49 17.73 -9.01
CA ALA A 63 1.73 16.95 -8.97
C ALA A 63 1.84 16.31 -7.61
N ARG A 64 2.00 14.99 -7.59
CA ARG A 64 2.28 14.27 -6.36
C ARG A 64 3.63 14.70 -5.82
N ARG A 65 3.71 14.88 -4.51
CA ARG A 65 4.88 15.52 -3.94
C ARG A 65 6.16 14.74 -4.21
N ASN A 66 6.08 13.40 -4.31
CA ASN A 66 7.28 12.59 -4.48
C ASN A 66 7.64 12.32 -5.94
N ASP A 67 6.71 12.50 -6.88
CA ASP A 67 6.86 11.96 -8.23
C ASP A 67 8.00 12.62 -9.00
N LYS A 68 8.82 11.78 -9.64
CA LYS A 68 9.90 12.22 -10.51
C LYS A 68 9.38 12.42 -11.92
N ALA A 69 9.80 13.51 -12.56
CA ALA A 69 9.33 13.85 -13.89
C ALA A 69 9.77 12.82 -14.94
N ILE A 70 8.92 12.63 -15.94
CA ILE A 70 9.22 11.74 -17.06
C ILE A 70 10.19 12.45 -17.99
N LYS A 71 11.26 11.75 -18.38
CA LYS A 71 12.32 12.32 -19.21
C LYS A 71 12.65 11.36 -20.35
N ASN A 72 13.02 11.91 -21.50
CA ASN A 72 13.40 11.06 -22.62
C ASN A 72 14.86 10.67 -22.44
N SER A 73 15.46 10.05 -23.46
CA SER A 73 16.85 9.59 -23.32
C SER A 73 17.84 10.74 -23.26
N ASN A 74 17.46 11.96 -23.65
CA ASN A 74 18.32 13.12 -23.51
C ASN A 74 18.11 13.84 -22.17
N GLY A 75 17.31 13.28 -21.28
CA GLY A 75 17.10 13.93 -20.00
C GLY A 75 16.12 15.07 -20.02
N VAL A 76 15.34 15.21 -21.10
CA VAL A 76 14.39 16.30 -21.23
C VAL A 76 13.02 15.83 -20.74
N VAL A 77 12.43 16.59 -19.81
CA VAL A 77 11.06 16.34 -19.37
C VAL A 77 10.14 16.24 -20.58
N SER A 78 9.37 15.16 -20.66
CA SER A 78 8.61 14.85 -21.85
C SER A 78 7.19 14.45 -21.50
N VAL A 79 6.32 14.50 -22.51
CA VAL A 79 4.89 14.30 -22.29
C VAL A 79 4.54 12.81 -22.22
N LEU A 80 5.04 12.01 -23.16
CA LEU A 80 4.76 10.58 -23.19
C LEU A 80 6.07 9.79 -23.13
N THR A 81 6.00 8.59 -22.56
CA THR A 81 7.09 7.64 -22.69
C THR A 81 7.13 7.10 -24.12
N SER A 82 8.27 6.49 -24.49
CA SER A 82 8.31 5.86 -25.80
C SER A 82 7.21 4.83 -25.94
N ASP A 83 6.99 4.03 -24.89
CA ASP A 83 5.94 3.01 -24.92
C ASP A 83 4.56 3.63 -25.19
N GLU A 84 4.23 4.74 -24.52
CA GLU A 84 2.96 5.40 -24.77
C GLU A 84 2.91 6.01 -26.17
N GLN A 85 4.00 6.66 -26.58
CA GLN A 85 4.07 7.16 -27.96
C GLN A 85 3.72 6.06 -28.95
N HIS A 86 4.16 4.82 -28.69
CA HIS A 86 3.84 3.75 -29.63
C HIS A 86 2.41 3.26 -29.46
N LEU A 87 1.96 3.16 -28.21
CA LEU A 87 0.61 2.68 -27.95
C LEU A 87 -0.44 3.56 -28.61
N TRP A 88 -0.23 4.87 -28.58
CA TRP A 88 -1.24 5.82 -29.04
C TRP A 88 -0.97 6.33 -30.45
N ARG A 89 -0.05 5.68 -31.18
CA ARG A 89 0.48 6.22 -32.44
C ARG A 89 -0.58 6.36 -33.54
N GLU A 90 -1.71 5.68 -33.40
CA GLU A 90 -2.73 5.79 -34.44
C GLU A 90 -3.10 7.24 -34.74
N ASN A 91 -2.95 8.15 -33.77
CA ASN A 91 -3.23 9.57 -34.00
C ASN A 91 -1.94 10.39 -33.90
N ASN A 92 -1.44 10.85 -35.05
CA ASN A 92 -0.19 11.61 -35.11
C ASN A 92 -0.20 12.78 -34.16
N GLU A 93 -1.27 13.60 -34.20
CA GLU A 93 -1.34 14.79 -33.35
C GLU A 93 -1.24 14.43 -31.86
N LEU A 94 -2.02 13.45 -31.42
CA LEU A 94 -2.03 13.09 -30.00
C LEU A 94 -0.62 12.83 -29.48
N ILE A 95 0.15 11.98 -30.18
CA ILE A 95 1.47 11.65 -29.65
C ILE A 95 2.50 12.74 -29.88
N SER A 96 2.16 13.78 -30.65
CA SER A 96 3.01 14.95 -30.84
C SER A 96 2.79 16.03 -29.77
N SER A 97 1.83 15.84 -28.87
CA SER A 97 1.39 16.89 -27.96
C SER A 97 2.60 17.48 -27.21
N PRO A 98 2.77 18.82 -27.23
CA PRO A 98 3.95 19.42 -26.58
C PRO A 98 3.85 19.56 -25.06
N ASN A 99 2.67 19.43 -24.47
CA ASN A 99 2.54 19.46 -23.03
C ASN A 99 1.31 18.64 -22.61
N LYS A 100 1.09 18.55 -21.30
CA LYS A 100 0.04 17.69 -20.75
C LYS A 100 -1.36 18.18 -21.09
N GLU A 101 -1.53 19.50 -21.24
CA GLU A 101 -2.86 20.05 -21.51
C GLU A 101 -3.29 19.75 -22.94
N VAL A 102 -2.41 20.07 -23.90
CA VAL A 102 -2.64 19.62 -25.27
C VAL A 102 -2.90 18.11 -25.31
N LEU A 103 -2.07 17.33 -24.62
CA LEU A 103 -2.30 15.89 -24.58
C LEU A 103 -3.74 15.55 -24.20
N GLU A 104 -4.23 16.14 -23.11
CA GLU A 104 -5.58 15.81 -22.65
C GLU A 104 -6.63 16.29 -23.65
N GLN A 105 -6.47 17.50 -24.16
CA GLN A 105 -7.34 18.03 -25.22
C GLN A 105 -7.44 17.08 -26.42
N ARG A 106 -6.30 16.69 -26.99
CA ARG A 106 -6.32 15.80 -28.15
C ARG A 106 -6.77 14.38 -27.78
N TYR A 107 -6.53 13.93 -26.55
CA TYR A 107 -7.08 12.63 -26.15
C TYR A 107 -8.60 12.67 -26.19
N VAL A 108 -9.21 13.65 -25.54
CA VAL A 108 -10.66 13.74 -25.55
C VAL A 108 -11.18 13.92 -26.98
N GLN A 109 -10.55 14.83 -27.75
CA GLN A 109 -11.04 15.13 -29.09
C GLN A 109 -10.87 13.96 -30.04
N ASN A 110 -9.75 13.24 -29.94
CA ASN A 110 -9.38 12.33 -31.02
C ASN A 110 -9.57 10.87 -30.68
N VAL A 111 -9.70 10.53 -29.41
CA VAL A 111 -9.92 9.15 -28.98
C VAL A 111 -11.33 8.96 -28.41
N ILE A 112 -11.75 9.83 -27.49
CA ILE A 112 -13.00 9.59 -26.77
C ILE A 112 -14.21 10.05 -27.57
N ILE A 113 -14.16 11.27 -28.14
CA ILE A 113 -15.33 11.81 -28.83
C ILE A 113 -15.75 10.96 -30.01
N PRO A 114 -14.84 10.36 -30.79
CA PRO A 114 -15.30 9.43 -31.85
C PRO A 114 -16.02 8.21 -31.30
N LEU A 115 -15.86 7.89 -30.02
CA LEU A 115 -16.55 6.76 -29.41
C LEU A 115 -17.79 7.17 -28.65
N LEU A 116 -17.73 8.27 -27.91
CA LEU A 116 -18.83 8.73 -27.08
C LEU A 116 -19.77 9.67 -27.79
N GLY A 117 -19.27 10.43 -28.77
CA GLY A 117 -20.08 11.41 -29.45
C GLY A 117 -19.85 12.78 -28.86
N PRO A 118 -20.06 13.83 -29.67
CA PRO A 118 -19.70 15.19 -29.24
C PRO A 118 -20.76 15.90 -28.40
N LYS A 119 -21.98 15.38 -28.32
CA LYS A 119 -23.07 16.14 -27.72
C LYS A 119 -22.82 16.37 -26.24
N HIS A 120 -22.26 15.40 -25.53
CA HIS A 120 -22.13 15.47 -24.08
C HIS A 120 -20.68 15.67 -23.64
N VAL A 121 -19.76 15.90 -24.57
CA VAL A 121 -18.33 15.86 -24.28
C VAL A 121 -17.67 17.09 -24.90
N ASP A 122 -16.80 17.74 -24.12
CA ASP A 122 -16.02 18.86 -24.62
C ASP A 122 -14.56 18.68 -24.22
N ALA A 123 -13.66 18.92 -25.18
CA ALA A 123 -12.23 18.76 -24.97
C ALA A 123 -11.60 19.97 -24.27
N GLY A 124 -12.33 21.07 -24.10
CA GLY A 124 -11.82 22.22 -23.38
C GLY A 124 -10.89 23.07 -24.22
N VAL A 125 -10.73 24.33 -23.78
CA VAL A 125 -9.90 25.34 -24.45
C VAL A 125 -8.68 25.62 -23.56
N ARG A 126 -7.49 25.61 -24.16
CA ARG A 126 -6.26 25.86 -23.42
C ARG A 126 -6.06 27.35 -23.14
N VAL A 127 -5.50 27.64 -21.96
CA VAL A 127 -5.10 29.00 -21.60
C VAL A 127 -3.71 28.94 -20.99
N SER A 128 -2.85 29.89 -21.36
CA SER A 128 -1.52 29.99 -20.77
C SER A 128 -1.60 30.52 -19.36
N VAL A 129 -0.65 30.12 -18.51
CA VAL A 129 -0.61 30.59 -17.14
C VAL A 129 0.84 30.79 -16.73
N SER A 130 1.07 31.79 -15.89
CA SER A 130 2.40 32.00 -15.33
C SER A 130 2.64 31.06 -14.17
N LYS A 131 3.92 30.77 -13.92
CA LYS A 131 4.29 30.05 -12.71
C LYS A 131 3.70 30.72 -11.47
N GLU A 132 3.75 32.06 -11.41
CA GLU A 132 3.24 32.80 -10.27
C GLU A 132 1.72 32.69 -10.14
N PHE A 133 1.01 32.60 -11.25
CA PHE A 133 -0.44 32.37 -11.16
C PHE A 133 -0.73 31.06 -10.47
N LEU A 134 -0.01 30.01 -10.87
CA LEU A 134 -0.24 28.69 -10.31
C LEU A 134 0.19 28.63 -8.85
N GLU A 135 1.27 29.34 -8.49
CA GLU A 135 1.72 29.33 -7.10
C GLU A 135 0.72 30.03 -6.19
N CYS A 136 0.19 31.16 -6.64
CA CYS A 136 -0.79 31.88 -5.83
C CYS A 136 -2.08 31.10 -5.71
N VAL A 137 -2.55 30.52 -6.82
CA VAL A 137 -3.73 29.67 -6.74
C VAL A 137 -3.48 28.51 -5.77
N ASP A 138 -2.32 27.87 -5.86
CA ASP A 138 -1.98 26.81 -4.93
C ASP A 138 -2.08 27.31 -3.49
N LYS A 139 -1.56 28.51 -3.22
CA LYS A 139 -1.56 29.05 -1.86
C LYS A 139 -2.99 29.38 -1.40
N LYS A 140 -3.76 30.03 -2.27
CA LYS A 140 -5.07 30.53 -1.89
C LYS A 140 -6.03 29.43 -1.45
N VAL A 141 -6.00 28.27 -2.13
CA VAL A 141 -7.05 27.26 -1.91
C VAL A 141 -6.65 26.18 -0.91
N THR A 142 -5.43 26.22 -0.39
CA THR A 142 -5.01 25.18 0.52
C THR A 142 -6.01 24.99 1.66
N LYS A 143 -6.49 26.07 2.26
CA LYS A 143 -7.40 25.94 3.39
C LYS A 143 -8.74 25.33 2.99
N GLN A 144 -9.08 25.33 1.70
CA GLN A 144 -10.33 24.71 1.27
C GLN A 144 -10.19 23.21 1.03
N ARG A 145 -8.95 22.72 0.86
CA ARG A 145 -8.72 21.36 0.43
C ARG A 145 -8.74 20.39 1.60
N PRO A 146 -9.23 19.18 1.38
CA PRO A 146 -9.03 18.11 2.37
C PRO A 146 -7.55 17.98 2.71
N LEU A 147 -7.27 17.85 4.01
CA LEU A 147 -5.88 17.80 4.44
C LEU A 147 -5.14 16.61 3.81
N TRP A 148 -5.81 15.48 3.64
CA TRP A 148 -5.12 14.33 3.08
C TRP A 148 -4.80 14.55 1.60
N ARG A 149 -5.61 15.35 0.88
CA ARG A 149 -5.27 15.75 -0.48
C ARG A 149 -4.03 16.62 -0.50
N VAL A 150 -3.93 17.54 0.46
CA VAL A 150 -2.78 18.43 0.56
C VAL A 150 -1.51 17.63 0.86
N ASN A 151 -1.61 16.70 1.80
CA ASN A 151 -0.47 15.84 2.14
C ASN A 151 0.14 15.23 0.88
N ALA A 152 -0.72 14.81 -0.05
CA ALA A 152 -0.35 13.97 -1.17
C ALA A 152 0.13 14.74 -2.38
N ALA A 153 -0.46 15.91 -2.67
CA ALA A 153 -0.17 16.56 -3.94
C ALA A 153 -0.54 18.04 -3.87
N ASN A 154 0.07 18.81 -4.75
CA ASN A 154 -0.26 20.22 -4.90
C ASN A 154 -0.36 20.55 -6.38
N VAL A 155 -0.65 21.81 -6.70
CA VAL A 155 -0.64 22.25 -8.09
C VAL A 155 0.72 21.95 -8.69
N ASP A 156 0.73 21.51 -9.96
CA ASP A 156 2.01 21.36 -10.65
C ASP A 156 2.41 22.72 -11.21
N THR A 157 3.32 23.40 -10.52
CA THR A 157 3.66 24.74 -10.99
C THR A 157 4.68 24.74 -12.11
N SER A 158 5.05 23.57 -12.65
CA SER A 158 5.92 23.57 -13.81
C SER A 158 5.16 23.72 -15.12
N HIS A 159 3.83 23.66 -15.08
CA HIS A 159 3.03 23.75 -16.30
C HIS A 159 2.85 25.19 -16.76
N ASP A 160 2.76 25.37 -18.08
CA ASP A 160 2.58 26.68 -18.67
C ASP A 160 1.17 26.87 -19.22
N SER A 161 0.28 25.89 -19.01
CA SER A 161 -1.06 25.88 -19.60
C SER A 161 -2.05 25.32 -18.59
N ALA A 162 -3.32 25.64 -18.79
CA ALA A 162 -4.40 24.97 -18.08
C ALA A 162 -5.56 24.86 -19.05
N LEU A 163 -6.68 24.30 -18.59
CA LEU A 163 -7.83 24.08 -19.45
C LEU A 163 -9.02 24.84 -18.91
N ILE A 164 -9.68 25.61 -19.78
CA ILE A 164 -10.93 26.31 -19.48
C ILE A 164 -12.09 25.45 -19.95
N LEU A 165 -13.06 25.23 -19.07
CA LEU A 165 -14.24 24.44 -19.36
C LEU A 165 -15.49 25.22 -18.99
N ASN A 166 -16.61 24.84 -19.60
CA ASN A 166 -17.90 25.38 -19.22
C ASN A 166 -18.29 24.86 -17.85
N ASP A 167 -18.83 25.73 -17.01
CA ASP A 167 -19.23 25.35 -15.66
C ASP A 167 -20.59 24.67 -15.72
N HIS A 168 -20.63 23.33 -15.55
CA HIS A 168 -21.88 22.60 -15.74
C HIS A 168 -22.85 22.75 -14.57
N SER A 169 -22.41 23.23 -13.42
CA SER A 169 -23.32 23.45 -12.32
C SER A 169 -24.17 24.70 -12.52
N LEU A 170 -23.93 25.43 -13.61
CA LEU A 170 -24.70 26.61 -13.97
C LEU A 170 -25.37 26.33 -15.30
N PHE A 171 -26.70 26.40 -15.31
CA PHE A 171 -27.49 26.34 -16.54
C PHE A 171 -27.61 27.73 -17.13
N SER A 172 -26.49 28.44 -17.17
CA SER A 172 -26.46 29.87 -17.41
C SER A 172 -25.95 30.15 -18.82
N GLN A 173 -26.09 31.43 -19.22
CA GLN A 173 -25.77 31.94 -20.55
C GLN A 173 -24.89 31.01 -21.38
N SER A 177 -32.28 34.78 -15.68
CA SER A 177 -33.02 34.21 -16.80
C SER A 177 -33.16 32.69 -16.65
N GLY A 178 -34.09 32.27 -15.81
CA GLY A 178 -34.34 30.85 -15.62
C GLY A 178 -34.34 30.42 -14.16
N GLY A 179 -33.91 31.32 -13.27
CA GLY A 179 -33.93 31.01 -11.85
C GLY A 179 -32.81 30.07 -11.42
N ASP A 180 -33.08 29.32 -10.36
CA ASP A 180 -32.05 28.50 -9.73
C ASP A 180 -31.73 27.28 -10.58
N CYS A 181 -30.48 26.85 -10.49
CA CYS A 181 -30.00 25.65 -11.19
C CYS A 181 -29.47 24.66 -10.17
N ILE A 182 -30.13 23.51 -10.06
CA ILE A 182 -29.61 22.40 -9.28
C ILE A 182 -28.89 21.45 -10.22
N SER A 183 -27.62 21.22 -9.97
CA SER A 183 -26.83 20.29 -10.77
C SER A 183 -26.42 19.10 -9.90
N VAL A 184 -26.35 17.94 -10.53
CA VAL A 184 -25.94 16.72 -9.86
C VAL A 184 -24.74 16.15 -10.59
N GLU A 185 -23.74 15.71 -9.83
CA GLU A 185 -22.60 14.99 -10.37
C GLU A 185 -22.68 13.54 -9.91
N ILE A 186 -22.58 12.60 -10.86
CA ILE A 186 -22.54 11.19 -10.55
C ILE A 186 -21.22 10.62 -11.06
N LYS A 187 -20.50 9.91 -10.20
CA LYS A 187 -19.29 9.20 -10.60
C LYS A 187 -19.67 7.73 -10.62
N PRO A 188 -20.04 7.19 -11.76
CA PRO A 188 -20.78 5.92 -11.76
C PRO A 188 -19.93 4.68 -11.60
N LYS A 189 -18.62 4.76 -11.89
CA LYS A 189 -17.69 3.64 -11.82
C LYS A 189 -18.09 2.56 -12.81
N CYS A 190 -17.63 1.32 -12.61
CA CYS A 190 -17.74 0.28 -13.63
C CYS A 190 -19.08 -0.43 -13.53
N GLY A 191 -19.82 -0.48 -14.63
CA GLY A 191 -21.14 -1.09 -14.59
C GLY A 191 -21.32 -2.51 -15.11
N PHE A 192 -20.30 -3.36 -15.10
CA PHE A 192 -20.51 -4.71 -15.64
C PHE A 192 -19.60 -5.69 -14.91
N LEU A 193 -19.95 -6.97 -15.02
CA LEU A 193 -19.12 -8.00 -14.42
C LEU A 193 -18.24 -8.67 -15.47
N PRO A 194 -16.96 -8.93 -15.20
CA PRO A 194 -16.12 -9.58 -16.22
C PRO A 194 -16.54 -11.04 -16.45
N THR A 195 -16.24 -11.53 -17.65
CA THR A 195 -16.43 -12.94 -17.98
C THR A 195 -15.12 -13.60 -18.37
N SER A 196 -13.99 -12.92 -18.19
CA SER A 196 -12.71 -13.36 -18.73
C SER A 196 -12.36 -14.79 -18.33
N ARG A 197 -11.87 -15.54 -19.31
CA ARG A 197 -11.26 -16.84 -19.07
C ARG A 197 -9.95 -16.76 -18.32
N PHE A 198 -9.40 -15.57 -18.11
CA PHE A 198 -8.13 -15.47 -17.41
C PHE A 198 -8.31 -15.25 -15.91
N ILE A 199 -9.54 -15.25 -15.44
CA ILE A 199 -9.83 -15.17 -14.01
C ILE A 199 -9.82 -16.59 -13.46
N GLY A 200 -8.88 -16.87 -12.53
CA GLY A 200 -8.73 -18.22 -12.03
C GLY A 200 -9.80 -18.58 -11.02
N LYS A 201 -9.90 -19.88 -10.71
CA LYS A 201 -11.02 -20.33 -9.90
C LYS A 201 -10.99 -19.74 -8.50
N GLU A 202 -9.79 -19.48 -7.96
CA GLU A 202 -9.74 -18.84 -6.65
C GLU A 202 -10.33 -17.42 -6.66
N ASN A 203 -10.43 -16.80 -7.84
CA ASN A 203 -10.93 -15.44 -7.98
C ASN A 203 -12.34 -15.41 -8.57
N MET A 204 -13.09 -16.50 -8.41
CA MET A 204 -14.36 -16.66 -9.10
C MET A 204 -15.35 -15.57 -8.71
N LEU A 205 -15.32 -15.12 -7.46
CA LEU A 205 -16.27 -14.10 -7.03
C LEU A 205 -16.18 -12.83 -7.87
N LYS A 206 -15.10 -12.65 -8.65
CA LYS A 206 -15.03 -11.49 -9.53
C LYS A 206 -16.09 -11.54 -10.63
N THR A 207 -16.59 -12.72 -10.97
CA THR A 207 -17.57 -12.82 -12.04
C THR A 207 -19.00 -12.64 -11.54
N SER A 208 -19.21 -12.44 -10.23
CA SER A 208 -20.56 -12.27 -9.71
C SER A 208 -20.72 -11.10 -8.76
N VAL A 209 -19.64 -10.46 -8.31
CA VAL A 209 -19.71 -9.33 -7.41
C VAL A 209 -18.94 -8.16 -8.03
N SER A 210 -19.58 -6.99 -8.08
CA SER A 210 -18.98 -5.87 -8.80
C SER A 210 -17.66 -5.48 -8.15
N ARG A 211 -16.72 -4.98 -8.99
CA ARG A 211 -15.51 -4.36 -8.46
C ARG A 211 -15.85 -3.30 -7.41
N PHE A 212 -16.84 -2.46 -7.70
CA PHE A 212 -17.18 -1.38 -6.78
C PHE A 212 -17.53 -1.96 -5.40
N LYS A 213 -18.35 -3.00 -5.36
CA LYS A 213 -18.74 -3.58 -4.08
C LYS A 213 -17.54 -4.16 -3.35
N MET A 214 -16.68 -4.91 -4.03
CA MET A 214 -15.51 -5.47 -3.37
C MET A 214 -14.56 -4.36 -2.90
N HIS A 215 -14.39 -3.33 -3.73
CA HIS A 215 -13.48 -2.25 -3.32
C HIS A 215 -13.98 -1.54 -2.06
N GLN A 216 -15.30 -1.42 -1.91
CA GLN A 216 -15.82 -0.79 -0.68
C GLN A 216 -15.25 -1.44 0.58
N LEU A 217 -15.14 -2.78 0.58
CA LEU A 217 -14.68 -3.46 1.78
C LEU A 217 -13.23 -3.09 2.10
N LEU A 218 -12.38 -3.00 1.07
CA LEU A 218 -11.00 -2.57 1.27
C LEU A 218 -10.93 -1.10 1.70
N LYS A 219 -11.73 -0.25 1.07
CA LYS A 219 -11.76 1.14 1.49
C LYS A 219 -12.11 1.27 2.96
N LEU A 220 -13.08 0.46 3.42
CA LEU A 220 -13.47 0.44 4.82
C LEU A 220 -12.32 -0.03 5.71
N GLU A 221 -11.61 -1.08 5.30
CA GLU A 221 -10.46 -1.55 6.06
C GLU A 221 -9.39 -0.46 6.25
N TYR A 222 -9.26 0.44 5.28
CA TYR A 222 -8.26 1.50 5.32
C TYR A 222 -8.83 2.83 5.83
N ILE A 223 -10.06 2.83 6.35
CA ILE A 223 -10.63 4.01 6.97
C ILE A 223 -10.71 5.16 5.97
N GLU A 224 -10.96 4.84 4.71
CA GLU A 224 -11.25 5.86 3.71
C GLU A 224 -12.74 6.18 3.62
N ILE A 225 -13.60 5.33 4.17
CA ILE A 225 -15.03 5.57 4.28
C ILE A 225 -15.47 5.06 5.65
N SER A 226 -16.60 5.58 6.11
CA SER A 226 -17.15 5.19 7.40
C SER A 226 -18.08 3.98 7.32
N GLU A 227 -18.58 3.68 6.12
CA GLU A 227 -19.55 2.60 5.94
C GLU A 227 -19.56 2.21 4.46
N GLU A 228 -19.92 0.95 4.20
CA GLU A 228 -20.05 0.50 2.81
C GLU A 228 -21.21 1.23 2.14
N SER A 229 -20.99 1.62 0.89
CA SER A 229 -22.02 2.30 0.12
C SER A 229 -23.18 1.35 -0.19
N GLU A 230 -24.39 1.91 -0.22
CA GLU A 230 -25.55 1.20 -0.73
C GLU A 230 -25.60 1.19 -2.26
N TYR A 231 -24.78 2.01 -2.91
CA TYR A 231 -24.81 2.13 -4.36
C TYR A 231 -24.24 0.88 -5.03
N ASP A 232 -24.92 0.42 -6.07
CA ASP A 232 -24.47 -0.72 -6.86
C ASP A 232 -24.49 -0.30 -8.32
N PRO A 233 -23.32 -0.12 -8.94
CA PRO A 233 -23.30 0.34 -10.35
C PRO A 233 -24.10 -0.55 -11.28
N LEU A 234 -24.19 -1.84 -10.98
CA LEU A 234 -24.98 -2.73 -11.84
C LEU A 234 -26.42 -2.23 -11.97
N ASP A 235 -26.96 -1.66 -10.89
CA ASP A 235 -28.31 -1.10 -10.95
C ASP A 235 -28.38 0.07 -11.92
N LEU A 236 -27.45 1.00 -11.79
CA LEU A 236 -27.50 2.22 -12.58
C LEU A 236 -27.34 1.93 -14.07
N PHE A 237 -26.50 0.96 -14.41
CA PHE A 237 -26.19 0.63 -15.80
C PHE A 237 -27.11 -0.45 -16.35
N SER A 238 -28.19 -0.77 -15.64
CA SER A 238 -29.06 -1.87 -15.99
C SER A 238 -29.95 -1.56 -17.19
N GLY A 239 -30.21 -0.28 -17.46
CA GLY A 239 -31.19 0.05 -18.47
C GLY A 239 -32.62 -0.17 -18.06
N SER A 240 -32.87 -0.46 -16.79
CA SER A 240 -34.22 -0.56 -16.25
C SER A 240 -34.50 0.69 -15.42
N LYS A 241 -35.55 1.43 -15.78
CA LYS A 241 -35.84 2.67 -15.09
C LYS A 241 -35.97 2.45 -13.59
N GLU A 242 -36.51 1.31 -13.19
CA GLU A 242 -36.76 1.04 -11.78
C GLU A 242 -35.45 0.80 -11.02
N ARG A 243 -34.51 0.08 -11.63
CA ARG A 243 -33.22 -0.10 -10.99
C ARG A 243 -32.39 1.19 -11.01
N VAL A 244 -32.57 2.02 -12.04
CA VAL A 244 -31.88 3.30 -12.06
C VAL A 244 -32.32 4.17 -10.87
N LEU A 245 -33.63 4.22 -10.61
CA LEU A 245 -34.12 4.98 -9.46
C LEU A 245 -33.54 4.45 -8.15
N GLU A 246 -33.45 3.13 -8.00
CA GLU A 246 -32.87 2.56 -6.79
C GLU A 246 -31.42 2.98 -6.62
N ALA A 247 -30.67 3.12 -7.72
CA ALA A 247 -29.29 3.56 -7.61
C ALA A 247 -29.20 5.02 -7.15
N ILE A 248 -30.05 5.88 -7.70
CA ILE A 248 -30.07 7.28 -7.28
C ILE A 248 -30.39 7.38 -5.79
N LYS A 249 -31.40 6.64 -5.34
CA LYS A 249 -31.73 6.66 -3.91
C LYS A 249 -30.53 6.17 -3.10
N ALA A 250 -29.82 5.17 -3.60
CA ALA A 250 -28.64 4.65 -2.92
C ALA A 250 -27.54 5.70 -2.86
N LEU A 251 -27.24 6.34 -4.00
CA LEU A 251 -26.26 7.41 -4.03
C LEU A 251 -26.62 8.52 -3.05
N TYR A 252 -27.89 8.91 -3.03
CA TYR A 252 -28.32 9.94 -2.08
C TYR A 252 -28.01 9.51 -0.64
N SER A 253 -28.27 8.24 -0.32
CA SER A 253 -28.12 7.76 1.06
C SER A 253 -26.66 7.68 1.47
N THR A 254 -25.79 7.18 0.59
CA THR A 254 -24.35 7.06 0.86
C THR A 254 -23.60 7.66 -0.33
N PRO A 255 -23.46 8.98 -0.35
CA PRO A 255 -22.84 9.64 -1.52
C PRO A 255 -21.39 9.27 -1.73
N GLN A 256 -20.66 8.93 -0.66
CA GLN A 256 -19.22 8.78 -0.69
C GLN A 256 -18.61 9.81 -1.64
N ASN A 257 -17.86 9.39 -2.67
CA ASN A 257 -17.38 10.33 -3.68
C ASN A 257 -18.06 10.10 -5.03
N ASN A 258 -19.25 9.50 -5.02
CA ASN A 258 -19.97 9.15 -6.23
C ASN A 258 -21.14 10.08 -6.55
N PHE A 259 -21.48 11.02 -5.66
CA PHE A 259 -22.71 11.80 -5.80
C PHE A 259 -22.53 13.16 -5.15
N ARG A 260 -22.76 14.23 -5.91
CA ARG A 260 -22.76 15.59 -5.37
C ARG A 260 -23.91 16.38 -5.99
N VAL A 261 -24.49 17.28 -5.20
CA VAL A 261 -25.55 18.16 -5.65
C VAL A 261 -25.09 19.60 -5.43
N PHE A 262 -25.29 20.44 -6.44
CA PHE A 262 -24.97 21.86 -6.34
C PHE A 262 -26.24 22.68 -6.53
N LEU A 263 -26.35 23.74 -5.73
CA LEU A 263 -27.35 24.78 -5.93
C LEU A 263 -26.62 26.01 -6.44
N ASN A 264 -26.85 26.36 -7.70
CA ASN A 264 -26.22 27.54 -8.29
C ASN A 264 -24.71 27.49 -8.15
N GLY A 265 -24.14 26.29 -8.23
CA GLY A 265 -22.70 26.13 -8.17
C GLY A 265 -22.13 25.92 -6.78
N SER A 266 -22.96 25.94 -5.74
CA SER A 266 -22.51 25.70 -4.37
C SER A 266 -22.97 24.32 -3.91
N LEU A 267 -22.06 23.59 -3.26
CA LEU A 267 -22.29 22.20 -2.86
C LEU A 267 -23.31 22.13 -1.73
N ILE A 268 -24.41 21.40 -1.96
CA ILE A 268 -25.40 21.20 -0.91
C ILE A 268 -25.50 19.75 -0.46
N LEU A 269 -24.89 18.79 -1.17
CA LEU A 269 -24.83 17.41 -0.71
C LEU A 269 -23.59 16.76 -1.32
N GLY A 270 -22.87 15.98 -0.51
CA GLY A 270 -21.65 15.33 -0.95
C GLY A 270 -20.42 16.03 -0.38
N GLY A 271 -19.25 15.46 -0.70
CA GLY A 271 -18.00 15.96 -0.14
C GLY A 271 -17.30 16.98 -1.03
N SER A 272 -16.40 17.75 -0.42
CA SER A 272 -15.66 18.79 -1.14
C SER A 272 -14.24 18.28 -1.37
N GLY A 273 -13.96 17.80 -2.59
CA GLY A 273 -12.66 17.24 -2.92
C GLY A 273 -12.41 15.85 -2.38
N GLU A 274 -13.45 15.17 -1.90
CA GLU A 274 -13.27 13.90 -1.21
C GLU A 274 -14.64 13.25 -1.05
N SER A 275 -14.61 11.98 -0.63
CA SER A 275 -15.80 11.27 -0.19
C SER A 275 -16.35 11.84 1.11
N THR A 276 -17.66 11.63 1.33
CA THR A 276 -18.33 12.07 2.55
C THR A 276 -19.22 10.96 3.08
N GLY A 277 -19.61 11.11 4.34
CA GLY A 277 -20.37 10.08 5.02
C GLY A 277 -21.83 10.03 4.62
N ARG A 278 -22.52 9.05 5.21
CA ARG A 278 -23.93 8.81 4.92
C ARG A 278 -24.78 10.03 5.23
N THR A 279 -25.84 10.20 4.44
CA THR A 279 -26.80 11.27 4.63
C THR A 279 -27.66 10.96 5.86
N SER A 280 -27.37 11.63 6.97
CA SER A 280 -28.09 11.44 8.22
C SER A 280 -29.42 12.18 8.17
N PRO A 281 -30.29 11.96 9.16
CA PRO A 281 -31.55 12.73 9.20
C PRO A 281 -31.33 14.23 9.11
N GLU A 282 -30.30 14.75 9.78
CA GLU A 282 -30.07 16.20 9.82
C GLU A 282 -29.60 16.72 8.48
N ILE A 283 -28.65 16.03 7.84
CA ILE A 283 -28.25 16.38 6.47
C ILE A 283 -29.46 16.32 5.55
N GLY A 284 -30.30 15.31 5.72
CA GLY A 284 -31.55 15.25 4.96
C GLY A 284 -32.40 16.50 5.12
N TYR A 285 -32.59 16.94 6.36
CA TYR A 285 -33.41 18.14 6.61
C TYR A 285 -32.84 19.36 5.90
N ALA A 286 -31.54 19.61 6.09
CA ALA A 286 -30.87 20.73 5.41
C ALA A 286 -31.05 20.63 3.91
N PHE A 287 -30.88 19.43 3.35
CA PHE A 287 -31.04 19.27 1.92
C PHE A 287 -32.50 19.44 1.50
N GLU A 288 -33.43 18.89 2.28
CA GLU A 288 -34.84 19.14 2.01
C GLU A 288 -35.16 20.63 2.03
N ASP A 289 -34.54 21.37 2.95
CA ASP A 289 -34.74 22.82 2.98
C ASP A 289 -34.08 23.49 1.78
N ALA A 290 -32.91 22.98 1.37
CA ALA A 290 -32.18 23.56 0.24
C ALA A 290 -32.96 23.48 -1.06
N LEU A 291 -33.89 22.52 -1.18
CA LEU A 291 -34.71 22.41 -2.37
C LEU A 291 -35.92 23.33 -2.34
N LYS A 292 -36.05 24.17 -1.31
CA LYS A 292 -37.20 25.05 -1.17
C LYS A 292 -37.35 25.93 -2.40
N GLY A 293 -38.52 25.89 -3.01
CA GLY A 293 -38.76 26.65 -4.24
C GLY A 293 -38.47 25.92 -5.52
N PHE A 294 -37.26 25.36 -5.65
CA PHE A 294 -36.91 24.63 -6.88
C PHE A 294 -37.93 23.56 -7.19
N ILE A 295 -38.22 22.70 -6.23
CA ILE A 295 -39.30 21.72 -6.33
C ILE A 295 -40.47 22.23 -5.50
N GLN A 296 -41.67 22.26 -6.09
CA GLN A 296 -42.88 22.65 -5.38
C GLN A 296 -43.47 21.41 -4.71
N SER A 297 -43.37 21.33 -3.40
CA SER A 297 -43.85 20.16 -2.67
C SER A 297 -43.94 20.54 -1.20
N GLU A 298 -44.83 19.84 -0.48
CA GLU A 298 -44.99 20.09 0.95
C GLU A 298 -43.84 19.48 1.74
N ASP A 299 -43.38 20.23 2.74
CA ASP A 299 -42.17 19.89 3.50
C ASP A 299 -42.10 18.40 3.80
N GLY A 300 -41.03 17.75 3.34
CA GLY A 300 -40.82 16.33 3.50
C GLY A 300 -40.95 15.52 2.23
N HIS A 301 -41.27 16.14 1.10
CA HIS A 301 -41.45 15.41 -0.15
C HIS A 301 -40.67 16.00 -1.32
N ARG A 302 -39.95 17.10 -1.14
CA ARG A 302 -39.19 17.65 -2.26
C ARG A 302 -38.08 16.70 -2.67
N THR A 303 -37.34 16.15 -1.71
CA THR A 303 -36.17 15.35 -2.05
C THR A 303 -36.58 14.08 -2.79
N GLU A 304 -37.68 13.44 -2.39
CA GLU A 304 -38.08 12.25 -3.13
C GLU A 304 -38.50 12.62 -4.55
N CYS A 305 -39.13 13.78 -4.73
CA CYS A 305 -39.34 14.29 -6.07
C CYS A 305 -38.02 14.54 -6.78
N PHE A 306 -37.05 15.13 -6.06
CA PHE A 306 -35.75 15.44 -6.66
C PHE A 306 -35.07 14.19 -7.20
N LEU A 307 -35.12 13.09 -6.43
CA LEU A 307 -34.45 11.85 -6.83
C LEU A 307 -35.14 11.22 -8.05
N GLN A 308 -36.46 11.35 -8.14
CA GLN A 308 -37.16 10.90 -9.34
C GLN A 308 -36.78 11.76 -10.54
N LEU A 309 -36.63 13.07 -10.34
CA LEU A 309 -36.15 13.94 -11.41
C LEU A 309 -34.79 13.48 -11.92
N VAL A 310 -33.81 13.33 -11.00
CA VAL A 310 -32.49 12.87 -11.39
C VAL A 310 -32.59 11.54 -12.12
N SER A 311 -33.36 10.61 -11.56
CA SER A 311 -33.51 9.30 -12.18
C SER A 311 -34.07 9.43 -13.60
N ASP A 312 -35.11 10.24 -13.78
CA ASP A 312 -35.74 10.36 -15.10
C ASP A 312 -34.79 10.97 -16.11
N ALA A 313 -33.90 11.86 -15.67
CA ALA A 313 -32.92 12.48 -16.57
C ALA A 313 -31.80 11.50 -16.92
N VAL A 314 -31.35 10.70 -15.95
CA VAL A 314 -30.34 9.69 -16.25
C VAL A 314 -30.90 8.67 -17.24
N TYR A 315 -32.04 8.07 -16.89
CA TYR A 315 -32.63 7.06 -17.75
C TYR A 315 -33.03 7.66 -19.10
N GLY A 316 -33.67 8.83 -19.08
CA GLY A 316 -34.19 9.41 -20.32
C GLY A 316 -33.10 9.74 -21.32
N SER A 317 -31.97 10.24 -20.85
CA SER A 317 -30.91 10.67 -21.76
C SER A 317 -30.19 9.48 -22.39
N GLY A 318 -30.17 8.34 -21.72
CA GLY A 318 -29.46 7.17 -22.20
C GLY A 318 -27.96 7.33 -22.32
N VAL A 319 -27.37 8.33 -21.68
CA VAL A 319 -25.93 8.53 -21.82
C VAL A 319 -25.16 7.35 -21.27
N LEU A 320 -25.74 6.61 -20.30
CA LEU A 320 -25.00 5.50 -19.69
C LEU A 320 -24.84 4.33 -20.65
N ASP A 321 -25.73 4.18 -21.63
CA ASP A 321 -25.62 3.08 -22.60
C ASP A 321 -24.29 3.11 -23.34
N ARG A 322 -23.95 4.25 -23.95
CA ARG A 322 -22.72 4.29 -24.72
C ARG A 322 -21.49 4.31 -23.82
N LEU A 323 -21.60 4.89 -22.62
CA LEU A 323 -20.48 4.83 -21.69
C LEU A 323 -20.14 3.39 -21.33
N LEU A 324 -21.16 2.54 -21.15
CA LEU A 324 -20.90 1.17 -20.72
C LEU A 324 -20.22 0.36 -21.82
N GLU A 325 -20.57 0.60 -23.09
CA GLU A 325 -19.89 -0.09 -24.18
C GLU A 325 -18.40 0.24 -24.21
N ILE A 326 -18.03 1.43 -23.77
CA ILE A 326 -16.61 1.78 -23.73
C ILE A 326 -15.92 1.12 -22.55
N GLN A 327 -16.58 1.10 -21.38
CA GLN A 327 -16.06 0.33 -20.27
C GLN A 327 -15.80 -1.11 -20.67
N LYS A 328 -16.69 -1.69 -21.48
CA LYS A 328 -16.54 -3.08 -21.91
C LYS A 328 -15.39 -3.28 -22.90
N LEU A 329 -14.72 -2.21 -23.33
CA LEU A 329 -13.47 -2.42 -24.06
C LEU A 329 -12.44 -3.13 -23.23
N ASP A 330 -12.61 -3.17 -21.89
CA ASP A 330 -11.87 -4.07 -21.02
C ASP A 330 -12.45 -5.48 -21.16
N LYS A 331 -11.97 -6.17 -22.18
CA LYS A 331 -12.57 -7.44 -22.58
C LYS A 331 -12.03 -8.63 -21.80
N LEU A 332 -10.79 -8.57 -21.35
CA LEU A 332 -10.13 -9.72 -20.77
C LEU A 332 -9.92 -9.57 -19.26
N ASP A 333 -10.33 -8.44 -18.69
CA ASP A 333 -10.01 -8.13 -17.30
C ASP A 333 -8.54 -7.80 -17.18
N ILE A 334 -8.16 -7.10 -16.10
CA ILE A 334 -6.75 -6.86 -15.85
C ILE A 334 -5.98 -8.17 -15.72
N GLU A 335 -6.63 -9.25 -15.25
CA GLU A 335 -5.88 -10.51 -15.14
C GLU A 335 -5.50 -11.09 -16.50
N GLY A 336 -6.20 -10.70 -17.57
CA GLY A 336 -5.73 -11.07 -18.88
C GLY A 336 -4.84 -9.99 -19.46
N ALA A 337 -5.27 -8.74 -19.33
CA ALA A 337 -4.59 -7.66 -20.02
C ALA A 337 -3.18 -7.45 -19.50
N ILE A 338 -2.91 -7.83 -18.25
CA ILE A 338 -1.57 -7.64 -17.69
C ILE A 338 -0.52 -8.41 -18.49
N HIS A 339 -0.88 -9.57 -19.04
CA HIS A 339 0.10 -10.32 -19.83
C HIS A 339 0.46 -9.57 -21.12
N CYS A 340 -0.54 -9.00 -21.80
CA CYS A 340 -0.25 -8.18 -22.99
C CYS A 340 0.63 -6.98 -22.65
N TYR A 341 0.42 -6.39 -21.47
CA TYR A 341 1.26 -5.30 -21.02
C TYR A 341 2.73 -5.67 -21.09
N TYR A 342 3.11 -6.78 -20.45
CA TYR A 342 4.52 -7.14 -20.41
C TYR A 342 5.08 -7.47 -21.79
N ASP A 343 4.26 -8.02 -22.69
CA ASP A 343 4.70 -8.21 -24.07
C ASP A 343 4.96 -6.87 -24.74
N ILE A 344 4.07 -5.90 -24.53
CA ILE A 344 4.15 -4.60 -25.19
C ILE A 344 5.52 -3.96 -24.95
N ILE A 345 5.98 -3.98 -23.70
CA ILE A 345 7.23 -3.36 -23.31
C ILE A 345 8.37 -4.37 -23.38
N ASN A 346 8.12 -5.54 -23.98
CA ASN A 346 9.10 -6.61 -24.17
C ASN A 346 9.86 -6.89 -22.87
N GLN A 347 9.11 -7.22 -21.83
CA GLN A 347 9.65 -7.70 -20.57
C GLN A 347 9.11 -9.08 -20.23
N PRO A 348 9.97 -9.99 -19.74
CA PRO A 348 9.51 -11.34 -19.39
C PRO A 348 8.40 -11.29 -18.34
N CYS A 349 7.33 -12.03 -18.61
CA CYS A 349 6.13 -11.93 -17.79
C CYS A 349 6.36 -12.41 -16.35
N PRO A 350 6.19 -11.57 -15.33
CA PRO A 350 6.31 -12.07 -13.96
C PRO A 350 5.07 -12.81 -13.50
N ILE A 351 3.92 -12.56 -14.13
CA ILE A 351 2.70 -13.28 -13.77
C ILE A 351 2.83 -14.76 -14.13
N CYS A 352 3.41 -15.06 -15.30
CA CYS A 352 3.54 -16.45 -15.75
C CYS A 352 4.78 -17.10 -15.14
N LYS A 353 4.67 -18.39 -14.84
CA LYS A 353 5.79 -19.15 -14.27
C LYS A 353 5.73 -20.63 -14.68
N GLU A 361 2.82 -18.59 -21.28
CA GLU A 361 1.51 -19.18 -21.01
C GLU A 361 0.82 -19.67 -22.28
N LEU A 362 1.10 -18.98 -23.38
CA LEU A 362 0.38 -19.14 -24.64
C LEU A 362 -0.87 -18.26 -24.63
N SER A 363 -1.89 -18.65 -25.40
CA SER A 363 -2.90 -17.73 -25.89
C SER A 363 -2.34 -16.32 -25.97
N LEU A 364 -2.34 -15.59 -24.86
CA LEU A 364 -2.06 -14.16 -24.91
C LEU A 364 -0.62 -13.90 -25.36
N HIS A 365 0.34 -14.68 -24.87
CA HIS A 365 1.73 -14.41 -25.19
C HIS A 365 2.12 -14.86 -26.59
N ALA A 366 1.29 -15.66 -27.26
CA ALA A 366 1.53 -16.00 -28.65
C ALA A 366 0.90 -15.01 -29.63
N LEU A 367 0.20 -13.98 -29.15
CA LEU A 367 -0.45 -13.05 -30.05
C LEU A 367 0.58 -12.22 -30.81
N PRO A 368 0.25 -11.74 -32.00
CA PRO A 368 1.11 -10.75 -32.65
C PRO A 368 1.12 -9.44 -31.88
N LEU A 369 2.24 -8.73 -32.00
CA LEU A 369 2.42 -7.50 -31.23
C LEU A 369 1.24 -6.55 -31.38
N ASP A 370 0.75 -6.37 -32.61
CA ASP A 370 -0.36 -5.45 -32.85
C ASP A 370 -1.61 -5.82 -32.04
N GLU A 371 -1.85 -7.11 -31.79
CA GLU A 371 -3.03 -7.46 -31.02
C GLU A 371 -2.84 -7.10 -29.55
N SER A 372 -1.67 -7.41 -29.00
CA SER A 372 -1.33 -7.03 -27.62
C SER A 372 -1.48 -5.53 -27.41
N LEU A 373 -0.92 -4.75 -28.34
CA LEU A 373 -1.08 -3.30 -28.28
C LEU A 373 -2.55 -2.92 -28.23
N LYS A 374 -3.35 -3.46 -29.16
CA LYS A 374 -4.78 -3.17 -29.21
C LYS A 374 -5.46 -3.47 -27.87
N ILE A 375 -5.18 -4.64 -27.28
CA ILE A 375 -5.82 -5.04 -26.01
C ILE A 375 -5.49 -4.05 -24.90
N VAL A 376 -4.23 -3.64 -24.83
CA VAL A 376 -3.82 -2.71 -23.78
C VAL A 376 -4.38 -1.33 -24.02
N LYS A 377 -4.34 -0.85 -25.26
CA LYS A 377 -4.94 0.46 -25.56
C LYS A 377 -6.42 0.49 -25.20
N GLU A 378 -7.16 -0.56 -25.57
CA GLU A 378 -8.57 -0.59 -25.26
C GLU A 378 -8.81 -0.70 -23.76
N TYR A 379 -7.90 -1.37 -23.04
CA TYR A 379 -7.97 -1.40 -21.59
C TYR A 379 -7.87 0.00 -21.00
N LEU A 380 -6.92 0.79 -21.47
CA LEU A 380 -6.75 2.14 -20.94
C LEU A 380 -7.88 3.07 -21.35
N ILE A 381 -8.42 2.90 -22.56
CA ILE A 381 -9.64 3.62 -22.91
C ILE A 381 -10.77 3.22 -21.97
N ALA A 382 -10.90 1.93 -21.69
CA ALA A 382 -11.94 1.49 -20.77
C ALA A 382 -11.71 2.05 -19.37
N ALA A 383 -10.45 2.17 -18.94
CA ALA A 383 -10.19 2.76 -17.62
C ALA A 383 -10.64 4.22 -17.58
N THR A 384 -10.42 4.98 -18.66
CA THR A 384 -10.97 6.34 -18.75
C THR A 384 -12.48 6.34 -18.48
N ALA A 385 -13.21 5.41 -19.10
CA ALA A 385 -14.66 5.38 -18.99
C ALA A 385 -15.12 4.90 -17.63
N LYS A 386 -14.34 4.08 -16.94
CA LYS A 386 -14.75 3.59 -15.63
C LYS A 386 -14.60 4.64 -14.53
N ASP A 387 -13.95 5.77 -14.83
CA ASP A 387 -13.57 6.72 -13.80
C ASP A 387 -14.06 8.14 -14.08
N CYS A 388 -14.81 8.35 -15.15
CA CYS A 388 -15.30 9.68 -15.50
C CYS A 388 -16.51 10.01 -14.63
N SER A 389 -17.05 11.21 -14.82
CA SER A 389 -18.25 11.64 -14.10
C SER A 389 -19.22 12.27 -15.08
N ILE A 390 -20.45 12.37 -14.63
CA ILE A 390 -21.53 12.98 -15.39
C ILE A 390 -22.09 14.10 -14.55
N MET A 391 -22.32 15.26 -15.16
CA MET A 391 -23.00 16.36 -14.53
C MET A 391 -24.30 16.61 -15.28
N ILE A 392 -25.39 16.67 -14.52
CA ILE A 392 -26.73 16.94 -15.05
C ILE A 392 -27.24 18.18 -14.35
N SER A 393 -27.48 19.23 -15.12
CA SER A 393 -28.01 20.49 -14.62
C SER A 393 -29.48 20.63 -14.99
N PHE A 394 -30.26 21.18 -14.07
CA PHE A 394 -31.70 21.28 -14.19
C PHE A 394 -32.14 22.73 -14.08
N GLN A 395 -33.18 23.08 -14.85
CA GLN A 395 -33.75 24.41 -14.88
C GLN A 395 -35.25 24.29 -15.09
N SER A 396 -36.04 25.02 -14.31
CA SER A 396 -37.49 24.90 -14.35
C SER A 396 -38.07 25.18 -15.74
N ASP A 407 -34.98 18.34 -24.71
CA ASP A 407 -34.36 17.82 -23.50
C ASP A 407 -34.95 18.45 -22.24
N TYR A 408 -36.00 17.84 -21.72
CA TYR A 408 -36.63 18.32 -20.50
C TYR A 408 -37.27 17.14 -19.79
N VAL A 409 -37.40 17.27 -18.47
CA VAL A 409 -38.10 16.30 -17.64
C VAL A 409 -39.25 16.99 -16.93
N SER A 410 -40.38 16.31 -16.85
CA SER A 410 -41.54 16.77 -16.09
C SER A 410 -41.90 15.68 -15.09
N LEU A 411 -42.04 16.06 -13.82
CA LEU A 411 -42.29 15.10 -12.77
C LEU A 411 -43.79 14.81 -12.70
N LYS A 412 -44.15 13.54 -12.86
CA LYS A 412 -45.54 13.13 -12.72
C LYS A 412 -46.16 13.51 -11.38
N PRO A 413 -45.41 13.64 -10.28
CA PRO A 413 -46.03 14.04 -9.01
C PRO A 413 -46.60 15.46 -9.00
N THR A 414 -45.73 16.47 -8.97
CA THR A 414 -46.12 17.84 -8.65
C THR A 414 -46.41 18.71 -9.86
N ASN A 415 -46.29 18.18 -11.08
CA ASN A 415 -46.64 18.92 -12.30
C ASN A 415 -45.75 20.16 -12.48
N GLN A 416 -44.46 19.88 -12.68
CA GLN A 416 -43.49 20.89 -13.09
C GLN A 416 -42.72 20.35 -14.29
N THR A 417 -42.10 21.27 -15.03
CA THR A 417 -41.29 20.92 -16.19
C THR A 417 -39.90 21.51 -16.04
N PHE A 418 -38.88 20.69 -16.25
CA PHE A 418 -37.49 21.07 -16.07
C PHE A 418 -36.68 20.78 -17.33
N ASP A 419 -36.02 21.80 -17.86
CA ASP A 419 -34.98 21.54 -18.85
C ASP A 419 -33.76 20.95 -18.16
N TYR A 420 -33.01 20.16 -18.91
CA TYR A 420 -31.81 19.57 -18.34
C TYR A 420 -30.79 19.36 -19.45
N LYS A 421 -29.52 19.43 -19.05
CA LYS A 421 -28.39 19.12 -19.91
C LYS A 421 -27.49 18.13 -19.18
N VAL A 422 -26.82 17.28 -19.95
CA VAL A 422 -25.91 16.28 -19.41
C VAL A 422 -24.55 16.50 -20.04
N HIS A 423 -23.50 16.31 -19.24
CA HIS A 423 -22.13 16.53 -19.71
C HIS A 423 -21.18 15.62 -18.97
N PHE A 424 -20.30 14.96 -19.72
CA PHE A 424 -19.24 14.16 -19.12
C PHE A 424 -18.10 15.06 -18.67
N ILE A 425 -17.44 14.66 -17.59
CA ILE A 425 -16.20 15.30 -17.20
C ILE A 425 -15.20 14.22 -16.85
N ASP A 426 -13.94 14.64 -16.76
CA ASP A 426 -12.86 13.78 -16.28
C ASP A 426 -12.73 12.53 -17.14
N LEU A 427 -12.70 12.73 -18.47
CA LEU A 427 -12.36 11.68 -19.41
C LEU A 427 -10.85 11.71 -19.68
N SER A 428 -10.09 11.39 -18.66
CA SER A 428 -8.65 11.63 -18.69
C SER A 428 -7.87 10.41 -19.16
N LEU A 429 -6.78 10.70 -19.87
CA LEU A 429 -5.86 9.68 -20.34
C LEU A 429 -5.14 9.04 -19.16
N LYS A 430 -5.11 7.63 -19.12
CA LYS A 430 -4.40 7.06 -17.99
C LYS A 430 -2.98 6.66 -18.39
N PRO A 431 -1.99 6.84 -17.50
CA PRO A 431 -0.62 6.44 -17.81
C PRO A 431 -0.49 4.93 -18.00
N LEU A 432 0.22 4.54 -19.05
CA LEU A 432 0.43 3.13 -19.36
C LEU A 432 1.08 2.40 -18.19
N LYS A 433 2.02 3.06 -17.50
CA LYS A 433 2.70 2.41 -16.39
C LYS A 433 1.76 1.92 -15.31
N ARG A 434 0.55 2.48 -15.24
CA ARG A 434 -0.43 2.09 -14.24
C ARG A 434 -0.91 0.64 -14.40
N MET A 435 -0.64 -0.03 -15.53
CA MET A 435 -1.10 -1.42 -15.67
C MET A 435 -0.59 -2.26 -14.51
N GLU A 436 0.66 -2.03 -14.08
CA GLU A 436 1.22 -2.79 -12.96
C GLU A 436 0.48 -2.51 -11.66
N SER A 437 0.16 -1.23 -11.41
CA SER A 437 -0.61 -0.85 -10.22
C SER A 437 -2.02 -1.38 -10.28
N TYR A 438 -2.64 -1.37 -11.46
CA TYR A 438 -3.99 -1.93 -11.60
C TYR A 438 -4.00 -3.40 -11.22
N TYR A 439 -3.00 -4.15 -11.70
CA TYR A 439 -2.95 -5.57 -11.35
C TYR A 439 -2.75 -5.75 -9.85
N LYS A 440 -1.87 -4.96 -9.24
CA LYS A 440 -1.61 -5.14 -7.82
C LYS A 440 -2.83 -4.77 -6.98
N LEU A 441 -3.48 -3.64 -7.30
CA LEU A 441 -4.70 -3.28 -6.57
C LEU A 441 -5.76 -4.37 -6.72
N ASP A 442 -5.98 -4.83 -7.96
CA ASP A 442 -6.99 -5.85 -8.21
C ASP A 442 -6.72 -7.09 -7.38
N LYS A 443 -5.46 -7.52 -7.36
CA LYS A 443 -5.10 -8.67 -6.55
C LYS A 443 -5.34 -8.41 -5.08
N LYS A 444 -5.13 -7.17 -4.64
CA LYS A 444 -5.39 -6.83 -3.24
C LYS A 444 -6.89 -6.94 -2.94
N ILE A 445 -7.72 -6.40 -3.83
CA ILE A 445 -9.17 -6.32 -3.61
C ILE A 445 -9.78 -7.71 -3.51
N ILE A 446 -9.48 -8.57 -4.48
CA ILE A 446 -10.13 -9.89 -4.50
C ILE A 446 -9.57 -10.76 -3.37
N SER A 447 -8.27 -10.63 -3.08
CA SER A 447 -7.67 -11.36 -1.96
C SER A 447 -8.37 -11.01 -0.65
N PHE A 448 -8.53 -9.72 -0.39
CA PHE A 448 -9.18 -9.30 0.86
C PHE A 448 -10.64 -9.74 0.89
N TYR A 449 -11.37 -9.51 -0.21
CA TYR A 449 -12.76 -9.94 -0.27
C TYR A 449 -12.91 -11.42 0.02
N ASN A 450 -12.03 -12.26 -0.56
CA ASN A 450 -12.10 -13.70 -0.32
C ASN A 450 -11.86 -14.04 1.15
N ARG A 451 -10.85 -13.41 1.76
CA ARG A 451 -10.57 -13.62 3.19
C ARG A 451 -11.81 -13.34 4.02
N LYS A 452 -12.41 -12.16 3.81
CA LYS A 452 -13.65 -11.79 4.48
C LYS A 452 -14.73 -12.83 4.27
N GLN A 453 -14.99 -13.20 3.01
CA GLN A 453 -16.05 -14.16 2.75
C GLN A 453 -15.76 -15.51 3.40
N LYS A 454 -14.48 -15.88 3.46
CA LYS A 454 -14.08 -17.15 4.08
C LYS A 454 -14.22 -17.12 5.59
N ALA A 455 -14.40 -15.94 6.18
CA ALA A 455 -14.68 -15.83 7.61
C ALA A 455 -16.15 -16.19 7.82
N GLU A 456 -16.41 -17.49 7.98
CA GLU A 456 -17.75 -18.00 8.24
C GLU A 456 -17.74 -18.95 9.44
N GLU B 13 10.10 -57.44 32.21
CA GLU B 13 9.70 -56.05 32.43
C GLU B 13 10.49 -55.41 33.57
N VAL B 14 10.81 -54.12 33.37
CA VAL B 14 11.58 -53.29 34.28
C VAL B 14 10.80 -52.01 34.55
N LEU B 15 10.95 -51.48 35.77
CA LEU B 15 10.17 -50.32 36.22
C LEU B 15 10.89 -49.04 35.81
N PHE B 16 10.23 -48.21 35.01
CA PHE B 16 10.78 -46.92 34.64
C PHE B 16 10.14 -45.82 35.48
N GLN B 17 10.93 -44.80 35.80
CA GLN B 17 10.39 -43.67 36.55
C GLN B 17 9.25 -43.02 35.78
N GLY B 18 8.33 -42.41 36.52
CA GLY B 18 7.22 -41.71 35.92
C GLY B 18 7.68 -40.48 35.18
N PRO B 19 6.82 -39.92 34.33
CA PRO B 19 7.19 -38.71 33.59
C PRO B 19 7.75 -37.63 34.50
N MET B 20 8.81 -36.98 34.04
CA MET B 20 9.43 -35.89 34.78
C MET B 20 9.81 -34.79 33.81
N GLU B 21 9.40 -33.56 34.12
CA GLU B 21 9.87 -32.42 33.35
C GLU B 21 11.37 -32.24 33.52
N MET B 22 12.02 -31.81 32.45
CA MET B 22 13.46 -31.60 32.48
C MET B 22 13.79 -30.33 33.25
N ILE B 23 14.96 -30.33 33.91
CA ILE B 23 15.45 -29.14 34.62
C ILE B 23 16.95 -29.02 34.40
N LEU B 24 17.37 -28.01 33.63
CA LEU B 24 18.79 -27.69 33.51
C LEU B 24 19.29 -27.08 34.81
N GLU B 25 20.43 -27.57 35.29
CA GLU B 25 20.99 -27.19 36.58
C GLU B 25 22.33 -26.52 36.39
N GLU B 26 22.89 -25.98 37.49
CA GLU B 26 24.19 -25.35 37.42
C GLU B 26 25.20 -26.22 36.69
N LYS B 27 25.06 -27.54 36.79
CA LYS B 27 26.03 -28.45 36.19
C LYS B 27 25.95 -28.44 34.67
N ASP B 28 24.76 -28.19 34.09
CA ASP B 28 24.59 -28.30 32.66
C ASP B 28 25.14 -27.11 31.89
N ALA B 29 25.42 -26.00 32.58
CA ALA B 29 25.85 -24.79 31.89
C ALA B 29 27.12 -25.00 31.08
N SER B 30 27.89 -26.06 31.39
CA SER B 30 29.14 -26.32 30.68
C SER B 30 28.90 -26.86 29.27
N ASP B 31 27.73 -27.40 28.98
CA ASP B 31 27.44 -28.06 27.71
C ASP B 31 26.87 -27.14 26.65
N TRP B 32 26.78 -25.85 26.91
CA TRP B 32 26.23 -24.90 25.95
C TRP B 32 27.25 -23.84 25.60
N ILE B 33 27.12 -23.28 24.39
CA ILE B 33 28.07 -22.32 23.86
C ILE B 33 27.30 -21.19 23.17
N TYR B 34 27.88 -20.00 23.24
CA TYR B 34 27.31 -18.81 22.62
C TYR B 34 27.11 -19.00 21.12
N ARG B 35 25.92 -18.67 20.64
CA ARG B 35 25.62 -18.64 19.21
C ARG B 35 25.30 -17.25 18.69
N GLY B 36 24.71 -16.40 19.52
CA GLY B 36 24.38 -15.05 19.12
C GLY B 36 23.34 -14.49 20.06
N GLU B 37 22.88 -13.29 19.72
CA GLU B 37 21.83 -12.65 20.48
C GLU B 37 21.26 -11.54 19.62
N GLY B 38 20.01 -11.17 19.93
CA GLY B 38 19.42 -9.96 19.38
C GLY B 38 19.27 -8.96 20.50
N GLY B 39 18.23 -8.14 20.45
CA GLY B 39 18.00 -7.22 21.56
C GLY B 39 17.38 -7.91 22.76
N ALA B 40 16.42 -8.82 22.51
CA ALA B 40 15.61 -9.39 23.58
C ALA B 40 16.10 -10.75 24.07
N ASN B 41 16.88 -11.50 23.29
CA ASN B 41 17.17 -12.88 23.61
C ASN B 41 18.63 -13.23 23.36
N LEU B 42 19.14 -14.13 24.19
CA LEU B 42 20.45 -14.74 24.02
C LEU B 42 20.23 -16.18 23.57
N VAL B 43 21.06 -16.66 22.65
CA VAL B 43 20.87 -18.00 22.11
C VAL B 43 22.17 -18.79 22.27
N LEU B 44 22.08 -19.99 22.83
CA LEU B 44 23.22 -20.87 23.00
C LEU B 44 22.97 -22.15 22.23
N ALA B 45 24.03 -22.73 21.68
CA ALA B 45 23.97 -24.01 20.98
C ALA B 45 24.46 -25.13 21.89
N TYR B 46 23.92 -26.33 21.69
CA TYR B 46 24.27 -27.47 22.53
C TYR B 46 25.54 -28.12 21.99
N ALA B 47 26.51 -28.32 22.89
CA ALA B 47 27.77 -28.97 22.60
C ALA B 47 28.01 -30.15 23.53
N GLY B 48 26.93 -30.83 23.92
CA GLY B 48 27.01 -32.02 24.74
C GLY B 48 26.67 -33.28 23.98
N SER B 49 26.19 -34.29 24.71
CA SER B 49 25.88 -35.59 24.12
C SER B 49 24.53 -36.17 24.53
N SER B 50 23.74 -35.45 25.31
CA SER B 50 22.40 -35.92 25.67
C SER B 50 21.47 -35.86 24.47
N PRO B 51 20.88 -36.99 24.03
CA PRO B 51 19.97 -36.94 22.89
C PRO B 51 18.75 -36.03 23.06
N LEU B 52 18.48 -35.52 24.27
CA LEU B 52 17.38 -34.56 24.40
C LEU B 52 17.75 -33.21 23.79
N PHE B 53 19.05 -32.87 23.78
CA PHE B 53 19.53 -31.57 23.38
C PHE B 53 20.42 -31.58 22.14
N VAL B 54 20.81 -32.76 21.64
CA VAL B 54 21.56 -32.82 20.39
C VAL B 54 20.73 -32.22 19.27
N GLY B 55 21.33 -31.33 18.49
CA GLY B 55 20.64 -30.66 17.40
C GLY B 55 19.75 -29.51 17.83
N LYS B 56 19.83 -29.07 19.08
CA LYS B 56 18.97 -28.03 19.62
C LYS B 56 19.78 -26.79 19.96
N VAL B 57 19.08 -25.65 20.02
CA VAL B 57 19.60 -24.46 20.69
C VAL B 57 18.64 -24.10 21.81
N ILE B 58 19.14 -23.32 22.76
CA ILE B 58 18.31 -22.80 23.85
C ILE B 58 18.25 -21.29 23.73
N ARG B 59 17.06 -20.73 23.97
CA ARG B 59 16.79 -19.32 23.82
C ARG B 59 16.43 -18.75 25.18
N ILE B 60 17.14 -17.71 25.60
CA ILE B 60 17.11 -17.20 26.96
C ILE B 60 16.83 -15.71 26.92
N GLN B 61 15.72 -15.30 27.52
CA GLN B 61 15.37 -13.89 27.52
C GLN B 61 16.29 -13.10 28.44
N LYS B 62 16.64 -11.90 28.00
CA LYS B 62 17.51 -10.97 28.72
C LYS B 62 16.67 -9.95 29.46
N ALA B 63 17.32 -9.23 30.38
CA ALA B 63 16.69 -8.15 31.12
C ALA B 63 17.40 -6.84 30.82
N ARG B 64 16.64 -5.83 30.40
CA ARG B 64 17.16 -4.48 30.30
C ARG B 64 17.53 -3.98 31.70
N ARG B 65 18.64 -3.24 31.80
CA ARG B 65 19.26 -3.02 33.09
C ARG B 65 18.57 -1.98 33.97
N ASN B 66 17.69 -1.13 33.44
CA ASN B 66 16.97 -0.20 34.28
C ASN B 66 15.45 -0.39 34.19
N ASP B 67 15.01 -1.65 34.08
CA ASP B 67 13.59 -1.97 34.20
C ASP B 67 13.24 -2.31 35.65
N SER B 78 1.70 -10.86 36.26
CA SER B 78 2.58 -9.76 35.89
C SER B 78 3.17 -9.99 34.50
N VAL B 79 2.59 -10.95 33.78
CA VAL B 79 3.12 -11.32 32.46
C VAL B 79 2.74 -10.27 31.41
N LEU B 80 1.50 -9.78 31.46
CA LEU B 80 1.04 -8.70 30.59
C LEU B 80 0.63 -7.53 31.46
N THR B 81 0.91 -6.31 30.99
CA THR B 81 0.40 -5.13 31.69
C THR B 81 -1.13 -5.15 31.67
N SER B 82 -1.72 -4.28 32.48
CA SER B 82 -3.16 -4.08 32.44
C SER B 82 -3.60 -3.63 31.05
N ASP B 83 -2.89 -2.66 30.47
CA ASP B 83 -3.18 -2.21 29.11
C ASP B 83 -3.12 -3.34 28.11
N GLU B 84 -2.13 -4.23 28.25
CA GLU B 84 -1.99 -5.34 27.32
C GLU B 84 -3.09 -6.37 27.47
N GLN B 85 -3.59 -6.59 28.69
CA GLN B 85 -4.72 -7.50 28.87
C GLN B 85 -5.99 -6.95 28.23
N HIS B 86 -6.12 -5.63 28.24
CA HIS B 86 -7.21 -4.97 27.53
C HIS B 86 -7.06 -5.13 26.02
N LEU B 87 -5.88 -4.81 25.49
CA LEU B 87 -5.65 -4.96 24.06
C LEU B 87 -5.87 -6.39 23.60
N TRP B 88 -5.31 -7.35 24.32
CA TRP B 88 -5.39 -8.76 23.92
C TRP B 88 -6.54 -9.48 24.59
N ARG B 89 -7.59 -8.76 24.97
CA ARG B 89 -8.68 -9.38 25.73
C ARG B 89 -9.22 -10.63 25.02
N GLU B 90 -9.24 -10.61 23.70
CA GLU B 90 -9.79 -11.71 22.93
C GLU B 90 -8.90 -12.95 22.91
N ASN B 91 -7.67 -12.86 23.43
CA ASN B 91 -6.73 -13.97 23.44
C ASN B 91 -6.53 -14.48 24.87
N ASN B 92 -7.59 -15.13 25.37
CA ASN B 92 -7.60 -15.66 26.74
C ASN B 92 -6.34 -16.47 27.03
N GLU B 93 -5.97 -17.35 26.12
CA GLU B 93 -4.80 -18.20 26.33
C GLU B 93 -3.55 -17.35 26.46
N LEU B 94 -3.41 -16.32 25.62
CA LEU B 94 -2.32 -15.38 25.74
C LEU B 94 -2.27 -14.74 27.13
N ILE B 95 -3.39 -14.16 27.57
CA ILE B 95 -3.34 -13.38 28.80
C ILE B 95 -3.14 -14.28 30.02
N SER B 96 -3.57 -15.55 29.95
CA SER B 96 -3.38 -16.45 31.08
C SER B 96 -2.03 -17.19 31.05
N SER B 97 -1.06 -16.70 30.27
CA SER B 97 0.26 -17.32 30.25
C SER B 97 0.93 -17.15 31.61
N PRO B 98 1.47 -18.20 32.21
CA PRO B 98 2.10 -18.06 33.53
C PRO B 98 3.46 -17.39 33.52
N ASN B 99 4.12 -17.29 32.37
CA ASN B 99 5.45 -16.69 32.31
C ASN B 99 5.72 -16.24 30.87
N LYS B 100 6.87 -15.58 30.66
CA LYS B 100 7.13 -14.97 29.36
C LYS B 100 7.42 -16.02 28.29
N GLU B 101 7.92 -17.19 28.69
CA GLU B 101 8.22 -18.23 27.71
C GLU B 101 6.94 -18.89 27.19
N VAL B 102 5.97 -19.16 28.08
CA VAL B 102 4.66 -19.60 27.62
C VAL B 102 3.97 -18.50 26.81
N LEU B 103 4.07 -17.25 27.26
CA LEU B 103 3.54 -16.15 26.45
C LEU B 103 4.05 -16.24 25.03
N GLU B 104 5.37 -16.35 24.83
CA GLU B 104 5.92 -16.42 23.48
C GLU B 104 5.39 -17.63 22.72
N GLN B 105 5.34 -18.80 23.38
CA GLN B 105 4.78 -19.99 22.75
C GLN B 105 3.37 -19.76 22.25
N ARG B 106 2.48 -19.34 23.13
CA ARG B 106 1.09 -19.14 22.73
C ARG B 106 0.95 -18.00 21.72
N TYR B 107 1.83 -16.98 21.76
CA TYR B 107 1.75 -15.93 20.74
C TYR B 107 2.03 -16.48 19.34
N VAL B 108 3.13 -17.23 19.20
CA VAL B 108 3.47 -17.81 17.91
C VAL B 108 2.38 -18.79 17.46
N GLN B 109 1.89 -19.61 18.39
CA GLN B 109 0.93 -20.67 18.04
C GLN B 109 -0.45 -20.11 17.69
N ASN B 110 -0.97 -19.19 18.52
CA ASN B 110 -2.37 -18.79 18.41
C ASN B 110 -2.61 -17.49 17.64
N VAL B 111 -1.56 -16.71 17.36
CA VAL B 111 -1.68 -15.42 16.66
C VAL B 111 -0.93 -15.45 15.33
N ILE B 112 0.35 -15.85 15.33
CA ILE B 112 1.17 -15.75 14.13
C ILE B 112 0.89 -16.90 13.18
N ILE B 113 0.92 -18.14 13.70
CA ILE B 113 0.77 -19.30 12.81
C ILE B 113 -0.54 -19.28 12.05
N PRO B 114 -1.68 -18.93 12.64
CA PRO B 114 -2.90 -18.81 11.82
C PRO B 114 -2.72 -17.85 10.65
N LEU B 115 -1.78 -16.91 10.76
CA LEU B 115 -1.54 -15.92 9.73
C LEU B 115 -0.41 -16.30 8.78
N LEU B 116 0.66 -16.88 9.31
CA LEU B 116 1.84 -17.21 8.53
C LEU B 116 1.85 -18.65 8.03
N GLY B 117 1.08 -19.53 8.65
CA GLY B 117 1.13 -20.94 8.33
C GLY B 117 2.15 -21.65 9.19
N PRO B 118 1.95 -22.95 9.39
CA PRO B 118 2.83 -23.74 10.27
C PRO B 118 4.05 -24.35 9.59
N LYS B 119 4.14 -24.33 8.26
CA LYS B 119 5.19 -25.07 7.57
C LYS B 119 6.60 -24.61 7.95
N HIS B 120 6.78 -23.32 8.21
CA HIS B 120 8.13 -22.78 8.43
C HIS B 120 8.33 -22.17 9.82
N VAL B 121 7.42 -22.36 10.76
CA VAL B 121 7.58 -21.80 12.11
C VAL B 121 7.53 -22.93 13.11
N ASP B 122 8.62 -23.10 13.86
CA ASP B 122 8.64 -24.04 14.99
C ASP B 122 7.90 -23.43 16.16
N ALA B 123 7.28 -24.30 16.97
CA ALA B 123 6.57 -23.81 18.14
C ALA B 123 7.55 -23.35 19.22
N GLY B 124 8.61 -24.13 19.43
CA GLY B 124 9.45 -23.99 20.60
C GLY B 124 8.92 -24.83 21.75
N VAL B 125 9.80 -25.46 22.52
CA VAL B 125 9.42 -26.29 23.66
C VAL B 125 9.98 -25.67 24.93
N ARG B 126 9.15 -25.53 25.96
CA ARG B 126 9.62 -24.98 27.22
C ARG B 126 10.44 -26.00 28.00
N VAL B 127 11.51 -25.53 28.61
CA VAL B 127 12.30 -26.31 29.56
C VAL B 127 12.46 -25.48 30.82
N SER B 128 12.49 -26.14 31.96
CA SER B 128 12.74 -25.46 33.22
C SER B 128 14.24 -25.22 33.40
N VAL B 129 14.58 -24.12 34.06
CA VAL B 129 15.96 -23.74 34.29
C VAL B 129 16.12 -23.30 35.74
N SER B 130 17.25 -23.65 36.33
CA SER B 130 17.58 -23.18 37.67
C SER B 130 18.15 -21.77 37.61
N LYS B 131 17.97 -21.02 38.70
CA LYS B 131 18.52 -19.68 38.76
C LYS B 131 20.05 -19.70 38.71
N GLU B 132 20.67 -20.77 39.24
CA GLU B 132 22.12 -20.87 39.17
C GLU B 132 22.60 -21.25 37.78
N PHE B 133 21.81 -22.01 37.02
CA PHE B 133 22.16 -22.32 35.63
C PHE B 133 22.28 -21.05 34.80
N LEU B 134 21.27 -20.17 34.89
CA LEU B 134 21.29 -18.94 34.10
C LEU B 134 22.46 -18.05 34.49
N GLU B 135 22.72 -17.93 35.80
CA GLU B 135 23.85 -17.14 36.27
C GLU B 135 25.18 -17.66 35.69
N CYS B 136 25.34 -18.98 35.67
CA CYS B 136 26.57 -19.54 35.11
C CYS B 136 26.65 -19.31 33.61
N VAL B 137 25.57 -19.59 32.89
CA VAL B 137 25.50 -19.27 31.47
C VAL B 137 25.84 -17.81 31.24
N ASP B 138 25.22 -16.92 32.02
CA ASP B 138 25.48 -15.49 31.87
C ASP B 138 26.94 -15.18 32.06
N LYS B 139 27.61 -15.87 33.00
CA LYS B 139 29.02 -15.58 33.28
C LYS B 139 29.91 -16.06 32.16
N LYS B 140 29.77 -17.32 31.73
CA LYS B 140 30.69 -17.87 30.75
C LYS B 140 30.70 -17.05 29.47
N VAL B 141 29.52 -16.84 28.88
CA VAL B 141 29.42 -16.30 27.52
C VAL B 141 29.72 -14.80 27.50
N THR B 142 29.94 -14.20 28.68
CA THR B 142 30.13 -12.76 28.73
C THR B 142 31.28 -12.30 27.83
N LYS B 143 32.34 -13.10 27.75
CA LYS B 143 33.49 -12.73 26.93
C LYS B 143 33.16 -12.72 25.44
N GLN B 144 32.28 -13.61 24.99
CA GLN B 144 31.89 -13.64 23.59
C GLN B 144 30.85 -12.59 23.24
N ARG B 145 30.37 -11.81 24.22
CA ARG B 145 29.30 -10.91 23.82
C ARG B 145 29.84 -9.52 23.45
N PRO B 146 29.19 -8.82 22.53
CA PRO B 146 29.57 -7.43 22.27
C PRO B 146 29.47 -6.61 23.56
N LEU B 147 30.49 -5.78 23.81
CA LEU B 147 30.46 -5.02 25.05
C LEU B 147 29.20 -4.15 25.16
N TRP B 148 28.83 -3.46 24.06
CA TRP B 148 27.62 -2.64 24.12
C TRP B 148 26.38 -3.47 24.45
N ARG B 149 26.36 -4.74 24.03
CA ARG B 149 25.28 -5.62 24.44
C ARG B 149 25.28 -5.80 25.95
N VAL B 150 26.47 -5.99 26.53
CA VAL B 150 26.58 -6.25 27.96
C VAL B 150 26.22 -5.00 28.76
N ASN B 151 26.71 -3.82 28.35
CA ASN B 151 26.23 -2.59 28.98
C ASN B 151 24.71 -2.58 29.05
N ALA B 152 24.04 -3.06 28.00
CA ALA B 152 22.61 -2.83 27.83
C ALA B 152 21.76 -3.79 28.64
N ALA B 153 22.16 -5.06 28.70
CA ALA B 153 21.32 -6.04 29.38
C ALA B 153 22.11 -7.31 29.61
N ASN B 154 21.62 -8.13 30.53
CA ASN B 154 22.19 -9.43 30.82
C ASN B 154 21.07 -10.46 30.84
N VAL B 155 21.46 -11.71 31.09
CA VAL B 155 20.45 -12.75 31.23
C VAL B 155 19.53 -12.39 32.38
N ASP B 156 18.23 -12.55 32.16
CA ASP B 156 17.25 -12.34 33.23
C ASP B 156 17.21 -13.60 34.10
N THR B 157 17.93 -13.56 35.22
CA THR B 157 18.08 -14.71 36.11
C THR B 157 16.88 -14.92 37.01
N SER B 158 15.80 -14.15 36.84
CA SER B 158 14.59 -14.32 37.61
C SER B 158 13.59 -15.26 36.95
N HIS B 159 13.87 -15.72 35.73
CA HIS B 159 12.99 -16.61 35.00
C HIS B 159 13.23 -18.07 35.38
N ASP B 160 12.15 -18.86 35.35
CA ASP B 160 12.24 -20.28 35.70
C ASP B 160 12.27 -21.19 34.49
N SER B 161 12.22 -20.63 33.28
CA SER B 161 12.06 -21.41 32.06
C SER B 161 12.90 -20.81 30.95
N ALA B 162 13.07 -21.59 29.90
CA ALA B 162 13.66 -21.13 28.65
C ALA B 162 12.98 -21.92 27.52
N LEU B 163 13.40 -21.66 26.29
CA LEU B 163 12.80 -22.30 25.13
C LEU B 163 13.88 -23.07 24.37
N ILE B 164 13.58 -24.34 24.08
CA ILE B 164 14.43 -25.21 23.29
C ILE B 164 13.92 -25.19 21.86
N LEU B 165 14.84 -24.99 20.90
CA LEU B 165 14.50 -24.87 19.49
C LEU B 165 15.42 -25.77 18.68
N ASN B 166 14.90 -26.30 17.58
CA ASN B 166 15.76 -27.00 16.63
C ASN B 166 16.81 -26.05 16.09
N ASP B 167 18.05 -26.50 16.07
CA ASP B 167 19.14 -25.70 15.49
C ASP B 167 18.99 -25.74 13.97
N HIS B 168 18.62 -24.63 13.37
CA HIS B 168 18.42 -24.61 11.93
C HIS B 168 19.73 -24.58 11.16
N SER B 169 20.85 -24.35 11.81
CA SER B 169 22.12 -24.49 11.14
C SER B 169 22.50 -25.96 10.92
N LEU B 170 21.59 -26.88 11.19
CA LEU B 170 21.80 -28.31 10.97
C LEU B 170 20.59 -28.84 10.21
N PHE B 171 20.82 -29.60 9.15
CA PHE B 171 19.74 -29.84 8.19
C PHE B 171 18.65 -30.71 8.81
N SER B 172 19.02 -31.69 9.62
CA SER B 172 18.04 -32.57 10.25
C SER B 172 18.59 -33.13 11.56
N GLY B 178 26.15 -37.50 3.50
CA GLY B 178 25.74 -36.26 4.16
C GLY B 178 26.03 -36.24 5.65
N GLY B 179 26.73 -35.19 6.08
CA GLY B 179 27.20 -34.15 5.19
C GLY B 179 27.24 -32.78 5.85
N ASP B 180 27.96 -31.86 5.22
CA ASP B 180 28.08 -30.49 5.73
C ASP B 180 26.79 -29.71 5.50
N CYS B 181 26.51 -28.77 6.40
CA CYS B 181 25.36 -27.89 6.26
C CYS B 181 25.82 -26.45 6.26
N ILE B 182 25.38 -25.70 5.25
CA ILE B 182 25.55 -24.25 5.20
C ILE B 182 24.16 -23.63 5.32
N SER B 183 23.96 -22.82 6.35
CA SER B 183 22.68 -22.17 6.59
C SER B 183 22.89 -20.67 6.56
N VAL B 184 21.86 -19.95 6.11
CA VAL B 184 21.93 -18.53 5.87
C VAL B 184 20.83 -17.83 6.66
N GLU B 185 21.20 -16.81 7.44
CA GLU B 185 20.23 -16.00 8.16
C GLU B 185 20.03 -14.67 7.44
N ILE B 186 18.78 -14.33 7.17
CA ILE B 186 18.43 -13.03 6.62
C ILE B 186 17.41 -12.37 7.54
N LYS B 187 17.72 -11.15 7.99
CA LYS B 187 16.77 -10.30 8.71
C LYS B 187 16.29 -9.25 7.72
N PRO B 188 15.15 -9.45 7.07
CA PRO B 188 14.86 -8.66 5.86
C PRO B 188 14.28 -7.28 6.14
N LYS B 189 13.72 -7.06 7.33
CA LYS B 189 13.14 -5.79 7.73
C LYS B 189 11.87 -5.50 6.91
N CYS B 190 11.41 -4.25 6.86
CA CYS B 190 10.13 -3.94 6.24
C CYS B 190 10.27 -3.76 4.74
N GLY B 191 9.47 -4.52 3.98
CA GLY B 191 9.60 -4.53 2.53
C GLY B 191 8.58 -3.74 1.74
N PHE B 192 7.96 -2.70 2.32
CA PHE B 192 7.00 -1.93 1.55
C PHE B 192 7.07 -0.46 1.95
N LEU B 193 6.44 0.40 1.11
CA LEU B 193 6.33 1.82 1.45
C LEU B 193 4.95 2.14 2.00
N PRO B 194 4.84 2.94 3.07
CA PRO B 194 3.50 3.27 3.57
C PRO B 194 2.73 4.14 2.60
N THR B 195 1.40 4.09 2.71
CA THR B 195 0.51 4.88 1.87
C THR B 195 -0.41 5.76 2.71
N SER B 196 -0.16 5.85 4.01
CA SER B 196 -1.09 6.45 4.95
C SER B 196 -1.41 7.90 4.65
N ARG B 197 -2.69 8.23 4.61
CA ARG B 197 -3.15 9.62 4.58
C ARG B 197 -2.75 10.40 5.82
N PHE B 198 -2.25 9.74 6.86
CA PHE B 198 -1.91 10.44 8.09
C PHE B 198 -0.47 10.93 8.10
N ILE B 199 0.32 10.58 7.10
CA ILE B 199 1.64 11.14 6.89
C ILE B 199 1.50 12.52 6.26
N GLY B 200 1.93 13.57 6.99
CA GLY B 200 1.78 14.93 6.50
C GLY B 200 2.82 15.31 5.45
N LYS B 201 2.57 16.44 4.78
CA LYS B 201 3.44 16.86 3.71
C LYS B 201 4.89 16.99 4.17
N GLU B 202 5.11 17.46 5.39
CA GLU B 202 6.50 17.62 5.83
C GLU B 202 7.24 16.27 5.88
N ASN B 203 6.50 15.17 6.07
CA ASN B 203 7.07 13.84 6.19
C ASN B 203 6.87 13.00 4.92
N MET B 204 6.53 13.66 3.82
CA MET B 204 6.12 12.97 2.59
C MET B 204 7.15 11.95 2.10
N LEU B 205 8.45 12.20 2.31
CA LEU B 205 9.44 11.26 1.80
C LEU B 205 9.26 9.85 2.36
N LYS B 206 8.55 9.69 3.48
CA LYS B 206 8.26 8.36 3.98
C LYS B 206 7.50 7.50 2.98
N THR B 207 6.77 8.10 2.05
CA THR B 207 5.99 7.32 1.11
C THR B 207 6.77 6.93 -0.14
N SER B 208 8.03 7.34 -0.25
CA SER B 208 8.82 7.03 -1.42
C SER B 208 10.21 6.47 -1.11
N VAL B 209 10.66 6.51 0.15
CA VAL B 209 11.95 6.00 0.57
C VAL B 209 11.71 5.01 1.71
N SER B 210 12.35 3.83 1.65
CA SER B 210 12.05 2.82 2.65
C SER B 210 12.51 3.29 4.03
N ARG B 211 11.85 2.76 5.06
CA ARG B 211 12.28 3.02 6.43
C ARG B 211 13.70 2.51 6.66
N PHE B 212 14.02 1.33 6.13
CA PHE B 212 15.39 0.82 6.22
C PHE B 212 16.40 1.84 5.71
N LYS B 213 16.16 2.38 4.52
CA LYS B 213 17.14 3.31 3.94
C LYS B 213 17.25 4.61 4.75
N MET B 214 16.12 5.16 5.21
CA MET B 214 16.22 6.34 6.07
C MET B 214 16.91 6.02 7.40
N HIS B 215 16.60 4.87 8.00
CA HIS B 215 17.18 4.55 9.30
C HIS B 215 18.70 4.33 9.20
N GLN B 216 19.18 3.86 8.05
CA GLN B 216 20.63 3.69 7.87
C GLN B 216 21.36 5.00 8.12
N LEU B 217 20.82 6.13 7.64
CA LEU B 217 21.50 7.41 7.83
C LEU B 217 21.61 7.74 9.32
N LEU B 218 20.51 7.58 10.06
CA LEU B 218 20.53 7.89 11.49
C LEU B 218 21.48 6.96 12.23
N LYS B 219 21.48 5.67 11.89
CA LYS B 219 22.42 4.72 12.48
C LYS B 219 23.86 5.16 12.24
N LEU B 220 24.17 5.55 11.01
CA LEU B 220 25.50 6.09 10.72
C LEU B 220 25.81 7.25 11.65
N GLU B 221 24.86 8.21 11.74
CA GLU B 221 25.06 9.40 12.55
C GLU B 221 25.39 9.07 14.00
N TYR B 222 24.87 7.97 14.53
CA TYR B 222 25.15 7.54 15.90
C TYR B 222 26.22 6.47 15.99
N ILE B 223 27.00 6.24 14.93
CA ILE B 223 28.13 5.31 14.99
C ILE B 223 27.68 3.88 15.33
N GLU B 224 26.49 3.50 14.92
CA GLU B 224 26.06 2.11 15.07
C GLU B 224 26.51 1.23 13.90
N ILE B 225 26.82 1.82 12.76
CA ILE B 225 27.30 1.09 11.59
C ILE B 225 28.46 1.88 11.01
N SER B 226 29.29 1.21 10.23
CA SER B 226 30.43 1.89 9.62
C SER B 226 30.12 2.53 8.28
N GLU B 227 29.07 2.09 7.59
CA GLU B 227 28.75 2.64 6.29
C GLU B 227 27.30 2.29 5.98
N GLU B 228 26.67 3.07 5.11
CA GLU B 228 25.31 2.76 4.69
C GLU B 228 25.25 1.42 3.99
N SER B 229 24.23 0.63 4.30
CA SER B 229 24.03 -0.65 3.63
C SER B 229 23.69 -0.44 2.15
N GLU B 230 24.15 -1.38 1.33
CA GLU B 230 23.65 -1.49 -0.03
C GLU B 230 22.30 -2.19 -0.09
N TYR B 231 21.88 -2.88 0.98
CA TYR B 231 20.69 -3.71 0.91
C TYR B 231 19.44 -2.84 0.92
N ASP B 232 18.51 -3.14 0.03
CA ASP B 232 17.23 -2.43 -0.04
C ASP B 232 16.09 -3.44 0.05
N PRO B 233 15.34 -3.49 1.16
CA PRO B 233 14.33 -4.54 1.31
C PRO B 233 13.29 -4.52 0.22
N LEU B 234 13.06 -3.35 -0.42
CA LEU B 234 12.09 -3.31 -1.50
C LEU B 234 12.49 -4.25 -2.62
N ASP B 235 13.79 -4.47 -2.81
CA ASP B 235 14.25 -5.45 -3.80
C ASP B 235 13.93 -6.86 -3.35
N LEU B 236 14.24 -7.20 -2.09
CA LEU B 236 14.07 -8.59 -1.64
C LEU B 236 12.61 -9.01 -1.68
N PHE B 237 11.71 -8.10 -1.32
CA PHE B 237 10.28 -8.37 -1.27
C PHE B 237 9.56 -8.10 -2.59
N SER B 238 10.27 -7.70 -3.65
CA SER B 238 9.61 -7.26 -4.88
C SER B 238 9.01 -8.40 -5.69
N GLY B 239 9.35 -9.65 -5.37
CA GLY B 239 8.91 -10.77 -6.18
C GLY B 239 9.62 -10.92 -7.50
N SER B 240 10.63 -10.10 -7.77
CA SER B 240 11.35 -10.11 -9.04
C SER B 240 12.63 -10.94 -8.88
N LYS B 241 12.74 -11.98 -9.69
CA LYS B 241 13.90 -12.86 -9.66
C LYS B 241 15.21 -12.07 -9.66
N GLU B 242 15.29 -11.00 -10.45
CA GLU B 242 16.53 -10.26 -10.59
C GLU B 242 16.76 -9.31 -9.42
N ARG B 243 15.68 -8.70 -8.90
CA ARG B 243 15.86 -7.81 -7.76
C ARG B 243 16.18 -8.61 -6.50
N VAL B 244 15.66 -9.82 -6.38
CA VAL B 244 16.03 -10.69 -5.26
C VAL B 244 17.51 -10.98 -5.29
N LEU B 245 18.07 -11.24 -6.48
CA LEU B 245 19.50 -11.51 -6.60
C LEU B 245 20.33 -10.29 -6.24
N GLU B 246 19.93 -9.11 -6.73
CA GLU B 246 20.63 -7.89 -6.30
C GLU B 246 20.58 -7.74 -4.78
N ALA B 247 19.45 -8.07 -4.16
CA ALA B 247 19.37 -7.92 -2.70
C ALA B 247 20.34 -8.86 -2.01
N ILE B 248 20.38 -10.12 -2.44
CA ILE B 248 21.31 -11.08 -1.85
C ILE B 248 22.75 -10.61 -2.03
N LYS B 249 23.07 -10.07 -3.22
CA LYS B 249 24.41 -9.55 -3.45
C LYS B 249 24.72 -8.39 -2.52
N ALA B 250 23.73 -7.53 -2.29
CA ALA B 250 23.92 -6.39 -1.41
C ALA B 250 24.11 -6.83 0.03
N LEU B 251 23.31 -7.81 0.48
CA LEU B 251 23.48 -8.36 1.83
C LEU B 251 24.87 -8.94 2.01
N TYR B 252 25.41 -9.63 1.00
CA TYR B 252 26.78 -10.13 1.10
C TYR B 252 27.77 -8.99 1.27
N SER B 253 27.64 -7.93 0.45
CA SER B 253 28.62 -6.85 0.49
C SER B 253 28.58 -6.07 1.80
N THR B 254 27.38 -5.77 2.32
CA THR B 254 27.20 -5.03 3.55
C THR B 254 26.22 -5.79 4.43
N PRO B 255 26.70 -6.82 5.12
CA PRO B 255 25.77 -7.65 5.90
C PRO B 255 25.10 -6.91 7.05
N GLN B 256 25.78 -5.96 7.69
CA GLN B 256 25.28 -5.27 8.91
C GLN B 256 24.75 -6.36 9.84
N ASN B 257 23.51 -6.26 10.34
CA ASN B 257 22.93 -7.35 11.12
C ASN B 257 21.79 -8.01 10.36
N ASN B 258 21.85 -7.96 9.03
CA ASN B 258 20.80 -8.48 8.17
C ASN B 258 21.17 -9.82 7.52
N PHE B 259 22.43 -10.24 7.61
CA PHE B 259 22.90 -11.40 6.85
C PHE B 259 23.98 -12.11 7.63
N ARG B 260 23.82 -13.41 7.82
CA ARG B 260 24.85 -14.25 8.40
C ARG B 260 24.87 -15.58 7.66
N VAL B 261 26.04 -16.23 7.68
CA VAL B 261 26.22 -17.55 7.09
C VAL B 261 26.99 -18.43 8.07
N PHE B 262 26.55 -19.68 8.20
CA PHE B 262 27.14 -20.63 9.13
C PHE B 262 27.52 -21.89 8.39
N LEU B 263 28.72 -22.39 8.66
CA LEU B 263 29.16 -23.70 8.20
C LEU B 263 29.12 -24.64 9.40
N ASN B 264 28.19 -25.59 9.39
CA ASN B 264 28.02 -26.52 10.50
C ASN B 264 27.82 -25.77 11.82
N GLY B 265 27.01 -24.71 11.75
CA GLY B 265 26.70 -23.92 12.92
C GLY B 265 27.78 -22.95 13.35
N SER B 266 28.91 -22.91 12.66
CA SER B 266 29.98 -21.96 12.96
C SER B 266 29.88 -20.76 12.02
N LEU B 267 29.91 -19.56 12.60
CA LEU B 267 29.82 -18.34 11.82
C LEU B 267 30.97 -18.20 10.83
N ILE B 268 30.66 -17.89 9.56
CA ILE B 268 31.71 -17.67 8.58
C ILE B 268 31.49 -16.40 7.78
N LEU B 269 30.32 -15.77 7.93
CA LEU B 269 30.13 -14.41 7.42
C LEU B 269 29.11 -13.69 8.30
N GLY B 270 29.39 -12.45 8.65
CA GLY B 270 28.46 -11.65 9.42
C GLY B 270 28.94 -11.45 10.85
N GLY B 271 28.09 -10.74 11.61
CA GLY B 271 28.44 -10.38 12.96
C GLY B 271 27.98 -11.39 13.99
N SER B 272 28.67 -11.39 15.13
CA SER B 272 28.36 -12.30 16.24
C SER B 272 27.65 -11.50 17.33
N GLY B 273 26.33 -11.58 17.39
CA GLY B 273 25.54 -10.82 18.34
C GLY B 273 25.37 -9.34 18.01
N GLU B 274 25.74 -8.91 16.81
CA GLU B 274 25.73 -7.50 16.47
C GLU B 274 25.93 -7.34 14.96
N SER B 275 25.73 -6.12 14.49
CA SER B 275 26.03 -5.75 13.13
C SER B 275 27.53 -5.81 12.90
N THR B 276 27.93 -6.05 11.65
CA THR B 276 29.34 -6.08 11.29
C THR B 276 29.58 -5.25 10.03
N GLY B 277 30.86 -4.94 9.79
CA GLY B 277 31.24 -4.08 8.68
C GLY B 277 31.19 -4.76 7.33
N ARG B 278 31.37 -3.95 6.29
CA ARG B 278 31.25 -4.45 4.92
C ARG B 278 32.31 -5.51 4.62
N THR B 279 31.99 -6.37 3.65
CA THR B 279 32.84 -7.51 3.36
C THR B 279 34.04 -7.02 2.57
N SER B 280 35.23 -7.08 3.18
CA SER B 280 36.48 -6.72 2.55
C SER B 280 36.90 -7.79 1.54
N PRO B 281 37.82 -7.47 0.64
CA PRO B 281 38.43 -8.53 -0.17
C PRO B 281 39.02 -9.65 0.67
N GLU B 282 39.61 -9.31 1.82
CA GLU B 282 40.20 -10.31 2.69
C GLU B 282 39.14 -11.11 3.43
N ILE B 283 38.01 -10.49 3.75
CA ILE B 283 36.89 -11.25 4.29
C ILE B 283 36.27 -12.11 3.19
N GLY B 284 36.21 -11.58 1.97
CA GLY B 284 35.67 -12.36 0.86
C GLY B 284 36.52 -13.58 0.54
N TYR B 285 37.85 -13.43 0.58
CA TYR B 285 38.73 -14.57 0.31
C TYR B 285 38.55 -15.66 1.35
N ALA B 286 38.47 -15.28 2.63
CA ALA B 286 38.24 -16.26 3.69
C ALA B 286 36.91 -16.97 3.49
N PHE B 287 35.86 -16.22 3.16
CA PHE B 287 34.57 -16.83 2.87
C PHE B 287 34.64 -17.69 1.60
N GLU B 288 35.40 -17.25 0.60
CA GLU B 288 35.54 -18.05 -0.61
C GLU B 288 36.14 -19.42 -0.27
N ASP B 289 37.10 -19.46 0.65
CA ASP B 289 37.72 -20.72 1.02
C ASP B 289 36.89 -21.51 2.03
N ALA B 290 36.06 -20.82 2.82
CA ALA B 290 35.21 -21.52 3.78
C ALA B 290 34.27 -22.50 3.11
N LEU B 291 33.93 -22.29 1.84
CA LEU B 291 32.94 -23.12 1.18
C LEU B 291 33.53 -23.97 0.06
N LYS B 292 34.83 -24.24 0.08
CA LYS B 292 35.35 -25.27 -0.81
C LYS B 292 34.86 -26.64 -0.34
N GLY B 293 34.61 -27.52 -1.29
CA GLY B 293 34.05 -28.84 -1.00
C GLY B 293 32.53 -28.86 -0.98
N PHE B 294 31.92 -27.83 -0.37
CA PHE B 294 30.46 -27.71 -0.39
C PHE B 294 29.97 -27.19 -1.73
N ILE B 295 30.55 -26.09 -2.22
CA ILE B 295 30.34 -25.64 -3.58
C ILE B 295 31.48 -26.18 -4.44
N GLN B 296 31.14 -26.91 -5.50
CA GLN B 296 32.15 -27.42 -6.42
C GLN B 296 32.35 -26.39 -7.53
N SER B 297 33.28 -25.46 -7.30
CA SER B 297 33.65 -24.46 -8.29
C SER B 297 35.07 -23.99 -8.02
N GLU B 298 35.76 -23.59 -9.09
CA GLU B 298 37.13 -23.15 -9.01
C GLU B 298 37.26 -21.93 -8.10
N ASP B 299 38.49 -21.68 -7.64
CA ASP B 299 38.77 -20.53 -6.80
C ASP B 299 38.29 -19.25 -7.45
N GLY B 300 37.62 -18.41 -6.66
CA GLY B 300 37.09 -17.15 -7.14
C GLY B 300 35.66 -17.21 -7.66
N HIS B 301 35.07 -18.40 -7.80
CA HIS B 301 33.74 -18.54 -8.36
C HIS B 301 32.73 -19.18 -7.42
N ARG B 302 33.16 -19.68 -6.27
CA ARG B 302 32.21 -20.33 -5.38
C ARG B 302 31.27 -19.33 -4.72
N THR B 303 31.71 -18.07 -4.55
CA THR B 303 30.87 -17.07 -3.89
C THR B 303 29.69 -16.68 -4.78
N GLU B 304 29.96 -16.30 -6.02
CA GLU B 304 28.89 -16.03 -6.97
C GLU B 304 27.91 -17.20 -7.02
N CYS B 305 28.43 -18.42 -7.09
CA CYS B 305 27.55 -19.59 -7.11
C CYS B 305 26.73 -19.68 -5.84
N PHE B 306 27.37 -19.44 -4.68
CA PHE B 306 26.67 -19.49 -3.40
C PHE B 306 25.52 -18.48 -3.36
N LEU B 307 25.78 -17.25 -3.80
CA LEU B 307 24.75 -16.22 -3.78
C LEU B 307 23.58 -16.58 -4.69
N GLN B 308 23.88 -17.13 -5.88
CA GLN B 308 22.82 -17.63 -6.74
C GLN B 308 22.04 -18.72 -6.04
N LEU B 309 22.71 -19.54 -5.24
CA LEU B 309 22.03 -20.58 -4.48
C LEU B 309 21.07 -19.96 -3.47
N VAL B 310 21.52 -18.94 -2.75
CA VAL B 310 20.66 -18.30 -1.74
C VAL B 310 19.49 -17.62 -2.44
N SER B 311 19.78 -16.84 -3.47
CA SER B 311 18.73 -16.14 -4.22
C SER B 311 17.69 -17.10 -4.75
N ASP B 312 18.12 -18.22 -5.34
CA ASP B 312 17.17 -19.16 -5.93
C ASP B 312 16.23 -19.74 -4.88
N ALA B 313 16.71 -19.97 -3.66
CA ALA B 313 15.86 -20.56 -2.64
C ALA B 313 14.88 -19.55 -2.06
N VAL B 314 15.31 -18.29 -1.88
CA VAL B 314 14.41 -17.26 -1.39
C VAL B 314 13.26 -17.04 -2.37
N TYR B 315 13.60 -16.80 -3.65
CA TYR B 315 12.57 -16.53 -4.64
C TYR B 315 11.74 -17.76 -4.94
N GLY B 316 12.39 -18.93 -5.01
CA GLY B 316 11.65 -20.16 -5.29
C GLY B 316 10.69 -20.54 -4.18
N SER B 317 11.11 -20.35 -2.92
CA SER B 317 10.27 -20.75 -1.80
C SER B 317 9.03 -19.85 -1.66
N GLY B 318 9.10 -18.62 -2.15
CA GLY B 318 8.02 -17.67 -1.96
C GLY B 318 7.74 -17.36 -0.52
N VAL B 319 8.69 -17.64 0.38
CA VAL B 319 8.42 -17.49 1.81
C VAL B 319 8.18 -16.02 2.19
N LEU B 320 8.75 -15.09 1.42
CA LEU B 320 8.61 -13.67 1.74
C LEU B 320 7.23 -13.12 1.43
N ASP B 321 6.44 -13.82 0.61
CA ASP B 321 5.19 -13.24 0.13
C ASP B 321 4.16 -13.13 1.25
N ARG B 322 3.96 -14.21 2.01
CA ARG B 322 3.01 -14.10 3.11
C ARG B 322 3.56 -13.23 4.22
N LEU B 323 4.87 -13.26 4.44
CA LEU B 323 5.46 -12.41 5.46
C LEU B 323 5.17 -10.94 5.18
N LEU B 324 5.27 -10.53 3.90
CA LEU B 324 4.98 -9.15 3.53
C LEU B 324 3.53 -8.78 3.81
N GLU B 325 2.59 -9.70 3.55
CA GLU B 325 1.19 -9.39 3.81
C GLU B 325 0.95 -9.15 5.29
N ILE B 326 1.73 -9.78 6.16
CA ILE B 326 1.57 -9.55 7.58
C ILE B 326 2.20 -8.21 7.97
N GLN B 327 3.36 -7.89 7.40
CA GLN B 327 3.92 -6.55 7.58
C GLN B 327 2.91 -5.47 7.20
N LYS B 328 2.12 -5.72 6.15
CA LYS B 328 1.18 -4.71 5.66
C LYS B 328 -0.06 -4.60 6.52
N LEU B 329 -0.16 -5.37 7.60
CA LEU B 329 -1.19 -5.11 8.61
C LEU B 329 -0.97 -3.77 9.29
N ASP B 330 0.26 -3.27 9.28
CA ASP B 330 0.52 -1.85 9.57
C ASP B 330 -0.03 -1.02 8.40
N LYS B 331 -1.32 -0.74 8.47
CA LYS B 331 -2.03 -0.13 7.35
C LYS B 331 -1.98 1.38 7.37
N LEU B 332 -1.89 1.96 8.55
CA LEU B 332 -2.02 3.39 8.75
C LEU B 332 -0.70 4.06 9.10
N ASP B 333 0.39 3.30 9.23
CA ASP B 333 1.70 3.79 9.65
C ASP B 333 1.63 4.20 11.12
N ILE B 334 2.79 4.34 11.78
CA ILE B 334 2.76 4.72 13.19
C ILE B 334 2.08 6.08 13.37
N GLU B 335 2.19 6.96 12.38
CA GLU B 335 1.58 8.28 12.48
C GLU B 335 0.06 8.21 12.48
N GLY B 336 -0.52 7.13 11.98
CA GLY B 336 -1.95 6.92 12.12
C GLY B 336 -2.25 6.12 13.39
N ALA B 337 -1.58 4.98 13.54
CA ALA B 337 -1.93 4.06 14.61
C ALA B 337 -1.69 4.62 16.00
N ILE B 338 -0.81 5.61 16.15
CA ILE B 338 -0.54 6.14 17.48
C ILE B 338 -1.80 6.76 18.09
N HIS B 339 -2.69 7.33 17.28
CA HIS B 339 -3.93 7.90 17.81
C HIS B 339 -4.81 6.82 18.44
N CYS B 340 -4.93 5.67 17.77
CA CYS B 340 -5.69 4.55 18.35
C CYS B 340 -5.03 4.02 19.61
N TYR B 341 -3.69 4.06 19.68
CA TYR B 341 -2.97 3.67 20.90
C TYR B 341 -3.45 4.46 22.12
N TYR B 342 -3.52 5.79 22.00
CA TYR B 342 -3.94 6.59 23.17
C TYR B 342 -5.40 6.32 23.57
N ASP B 343 -6.27 6.02 22.60
CA ASP B 343 -7.64 5.65 22.95
C ASP B 343 -7.67 4.32 23.69
N ILE B 344 -6.87 3.36 23.25
CA ILE B 344 -6.83 2.03 23.88
C ILE B 344 -6.33 2.12 25.32
N ILE B 345 -5.36 2.99 25.60
CA ILE B 345 -4.87 3.16 26.96
C ILE B 345 -5.61 4.27 27.69
N ASN B 346 -6.70 4.77 27.12
CA ASN B 346 -7.59 5.74 27.78
C ASN B 346 -6.83 6.98 28.22
N GLN B 347 -5.96 7.49 27.36
CA GLN B 347 -5.27 8.75 27.63
C GLN B 347 -5.65 9.78 26.58
N PRO B 348 -6.06 10.98 26.98
CA PRO B 348 -6.26 12.06 26.01
C PRO B 348 -5.10 12.12 25.03
N CYS B 349 -5.42 12.19 23.75
CA CYS B 349 -4.37 12.05 22.74
C CYS B 349 -3.43 13.25 22.83
N PRO B 350 -2.15 13.06 23.15
CA PRO B 350 -1.23 14.21 23.18
C PRO B 350 -0.84 14.69 21.78
N ILE B 351 -0.91 13.81 20.78
CA ILE B 351 -0.59 14.22 19.42
C ILE B 351 -1.56 15.30 18.95
N CYS B 352 -2.85 14.98 18.93
CA CYS B 352 -3.88 15.90 18.45
C CYS B 352 -3.74 17.27 19.11
N LYS B 353 -3.51 18.29 18.26
CA LYS B 353 -3.38 19.68 18.66
C LYS B 353 -4.41 20.50 17.90
N GLU B 354 -5.13 21.36 18.62
CA GLU B 354 -6.18 22.18 18.01
C GLU B 354 -5.86 23.66 18.06
N GLU B 361 -6.85 11.64 13.70
CA GLU B 361 -6.91 13.08 13.87
C GLU B 361 -8.26 13.53 14.42
N LEU B 362 -9.30 12.82 14.02
CA LEU B 362 -10.69 13.16 14.36
C LEU B 362 -11.60 12.31 13.51
N SER B 363 -11.00 11.36 12.80
CA SER B 363 -11.69 10.21 12.22
C SER B 363 -11.24 8.90 12.86
N LEU B 364 -9.95 8.77 13.18
CA LEU B 364 -9.51 7.63 13.97
C LEU B 364 -10.14 7.65 15.35
N HIS B 365 -10.27 8.84 15.96
CA HIS B 365 -10.79 8.88 17.32
C HIS B 365 -12.31 8.66 17.40
N ALA B 366 -13.01 8.68 16.28
CA ALA B 366 -14.44 8.40 16.22
C ALA B 366 -14.74 6.94 15.86
N LEU B 367 -13.71 6.12 15.66
CA LEU B 367 -13.90 4.70 15.41
C LEU B 367 -14.51 4.01 16.63
N PRO B 368 -15.29 2.93 16.42
CA PRO B 368 -15.68 2.10 17.57
C PRO B 368 -14.45 1.47 18.20
N LEU B 369 -14.54 1.20 19.50
CA LEU B 369 -13.41 0.69 20.23
C LEU B 369 -12.89 -0.61 19.63
N ASP B 370 -13.80 -1.50 19.18
CA ASP B 370 -13.35 -2.75 18.56
C ASP B 370 -12.36 -2.48 17.41
N GLU B 371 -12.58 -1.41 16.66
CA GLU B 371 -11.71 -1.13 15.53
C GLU B 371 -10.39 -0.50 15.98
N SER B 372 -10.44 0.42 16.95
CA SER B 372 -9.21 0.94 17.55
C SER B 372 -8.31 -0.20 18.04
N LEU B 373 -8.91 -1.17 18.74
CA LEU B 373 -8.18 -2.32 19.24
C LEU B 373 -7.60 -3.18 18.12
N LYS B 374 -8.41 -3.47 17.11
CA LYS B 374 -7.92 -4.24 15.96
C LYS B 374 -6.72 -3.56 15.29
N ILE B 375 -6.79 -2.23 15.11
CA ILE B 375 -5.70 -1.50 14.46
C ILE B 375 -4.40 -1.63 15.26
N VAL B 376 -4.48 -1.45 16.58
CA VAL B 376 -3.27 -1.53 17.38
C VAL B 376 -2.73 -2.96 17.44
N LYS B 377 -3.62 -3.95 17.62
CA LYS B 377 -3.17 -5.34 17.58
C LYS B 377 -2.48 -5.64 16.25
N GLU B 378 -3.03 -5.11 15.16
CA GLU B 378 -2.45 -5.42 13.86
C GLU B 378 -1.14 -4.69 13.65
N TYR B 379 -0.99 -3.51 14.27
CA TYR B 379 0.30 -2.83 14.22
C TYR B 379 1.38 -3.66 14.88
N LEU B 380 1.08 -4.19 16.07
CA LEU B 380 2.06 -4.98 16.82
C LEU B 380 2.38 -6.27 16.10
N ILE B 381 1.39 -6.89 15.46
CA ILE B 381 1.69 -8.11 14.72
C ILE B 381 2.54 -7.78 13.52
N ALA B 382 2.25 -6.67 12.85
CA ALA B 382 3.10 -6.21 11.77
C ALA B 382 4.54 -6.00 12.24
N ALA B 383 4.71 -5.45 13.45
CA ALA B 383 6.05 -5.18 13.97
C ALA B 383 6.84 -6.47 14.18
N THR B 384 6.16 -7.53 14.66
CA THR B 384 6.77 -8.85 14.72
C THR B 384 7.32 -9.26 13.36
N ALA B 385 6.47 -9.14 12.33
CA ALA B 385 6.85 -9.55 10.99
C ALA B 385 7.93 -8.65 10.40
N LYS B 386 7.98 -7.37 10.82
CA LYS B 386 9.01 -6.47 10.30
C LYS B 386 10.38 -6.77 10.89
N ASP B 387 10.46 -7.55 11.97
CA ASP B 387 11.70 -7.72 12.70
C ASP B 387 12.14 -9.16 12.86
N CYS B 388 11.40 -10.12 12.30
CA CYS B 388 11.78 -11.52 12.40
C CYS B 388 12.93 -11.82 11.44
N SER B 389 13.44 -13.05 11.50
CA SER B 389 14.47 -13.51 10.56
C SER B 389 14.02 -14.81 9.92
N ILE B 390 14.64 -15.15 8.79
CA ILE B 390 14.55 -16.50 8.22
C ILE B 390 15.94 -17.09 8.18
N MET B 391 16.01 -18.40 8.46
CA MET B 391 17.23 -19.18 8.33
C MET B 391 16.99 -20.24 7.26
N ILE B 392 17.88 -20.28 6.27
CA ILE B 392 17.78 -21.23 5.17
C ILE B 392 18.93 -22.20 5.32
N SER B 393 18.60 -23.48 5.49
CA SER B 393 19.60 -24.53 5.59
C SER B 393 19.78 -25.18 4.24
N PHE B 394 21.03 -25.48 3.88
CA PHE B 394 21.37 -26.13 2.62
C PHE B 394 22.18 -27.39 2.91
N GLN B 395 21.94 -28.44 2.12
CA GLN B 395 22.87 -29.55 2.06
C GLN B 395 22.72 -30.23 0.70
N SER B 396 23.73 -31.02 0.35
CA SER B 396 23.67 -31.75 -0.91
C SER B 396 22.45 -32.65 -0.94
N ARG B 397 21.82 -32.75 -2.10
CA ARG B 397 20.60 -33.53 -2.22
C ARG B 397 20.86 -35.01 -1.94
N ASN B 398 19.85 -35.67 -1.36
CA ASN B 398 19.92 -37.11 -1.08
C ASN B 398 18.61 -37.80 -1.48
N ALA B 399 18.25 -38.88 -0.79
CA ALA B 399 16.98 -39.60 -1.02
C ALA B 399 17.04 -41.00 -0.42
N ASP B 407 11.81 -29.52 -1.56
CA ASP B 407 12.37 -28.22 -1.94
C ASP B 407 13.86 -28.31 -2.23
N TYR B 408 14.23 -27.90 -3.44
CA TYR B 408 15.61 -27.94 -3.91
C TYR B 408 15.79 -26.87 -4.96
N VAL B 409 17.05 -26.54 -5.24
CA VAL B 409 17.39 -25.70 -6.39
C VAL B 409 18.52 -26.40 -7.14
N SER B 410 18.40 -26.45 -8.47
CA SER B 410 19.45 -26.99 -9.31
C SER B 410 20.40 -25.85 -9.68
N LEU B 411 21.66 -25.99 -9.29
CA LEU B 411 22.69 -24.98 -9.56
C LEU B 411 23.44 -25.40 -10.82
N LYS B 412 23.05 -24.83 -11.97
CA LYS B 412 23.64 -25.28 -13.24
C LYS B 412 25.16 -25.18 -13.27
N PRO B 413 25.78 -24.04 -12.94
CA PRO B 413 27.25 -23.92 -13.10
C PRO B 413 28.01 -25.13 -12.57
N THR B 414 27.52 -25.73 -11.49
CA THR B 414 28.15 -26.90 -10.89
C THR B 414 27.15 -28.04 -10.87
N ASN B 415 27.55 -29.21 -11.35
CA ASN B 415 26.59 -30.28 -11.55
C ASN B 415 26.10 -30.86 -10.22
N GLN B 416 25.65 -30.00 -9.31
CA GLN B 416 25.15 -30.44 -8.02
C GLN B 416 23.80 -29.79 -7.74
N THR B 417 23.03 -30.46 -6.88
CA THR B 417 21.70 -30.03 -6.50
C THR B 417 21.64 -29.99 -4.98
N PHE B 418 20.94 -29.01 -4.44
CA PHE B 418 20.85 -28.85 -2.99
C PHE B 418 19.38 -28.86 -2.56
N ASP B 419 19.09 -29.62 -1.53
CA ASP B 419 17.83 -29.43 -0.82
C ASP B 419 18.01 -28.33 0.23
N TYR B 420 16.91 -27.64 0.53
CA TYR B 420 16.97 -26.52 1.45
C TYR B 420 15.68 -26.46 2.26
N LYS B 421 15.81 -26.07 3.52
CA LYS B 421 14.68 -25.78 4.39
C LYS B 421 14.76 -24.34 4.85
N VAL B 422 13.59 -23.71 5.00
CA VAL B 422 13.51 -22.33 5.49
C VAL B 422 12.63 -22.30 6.73
N HIS B 423 13.13 -21.66 7.79
CA HIS B 423 12.42 -21.52 9.06
C HIS B 423 12.44 -20.06 9.50
N PHE B 424 11.32 -19.60 10.06
CA PHE B 424 11.27 -18.28 10.67
C PHE B 424 11.81 -18.39 12.08
N ILE B 425 12.50 -17.34 12.51
CA ILE B 425 12.88 -17.23 13.91
C ILE B 425 12.53 -15.83 14.39
N ASP B 426 12.52 -15.68 15.72
CA ASP B 426 12.34 -14.37 16.34
C ASP B 426 11.01 -13.76 15.93
N LEU B 427 9.94 -14.56 16.03
CA LEU B 427 8.58 -14.05 15.83
C LEU B 427 8.00 -13.64 17.19
N SER B 428 8.58 -12.58 17.76
CA SER B 428 8.33 -12.23 19.16
C SER B 428 7.18 -11.23 19.32
N LEU B 429 6.45 -11.39 20.42
CA LEU B 429 5.45 -10.43 20.82
C LEU B 429 6.10 -9.09 21.20
N LYS B 430 5.60 -7.96 20.60
CA LYS B 430 6.20 -6.67 20.95
C LYS B 430 5.40 -6.00 22.08
N PRO B 431 6.09 -5.42 23.06
CA PRO B 431 5.38 -4.74 24.16
C PRO B 431 4.54 -3.58 23.66
N LEU B 432 3.30 -3.52 24.16
CA LEU B 432 2.37 -2.48 23.73
C LEU B 432 2.89 -1.08 24.06
N LYS B 433 3.56 -0.91 25.19
CA LYS B 433 4.08 0.42 25.52
C LYS B 433 5.10 0.91 24.52
N ARG B 434 5.69 0.02 23.71
CA ARG B 434 6.62 0.48 22.69
C ARG B 434 5.98 1.43 21.69
N MET B 435 4.64 1.43 21.55
CA MET B 435 4.02 2.33 20.58
C MET B 435 4.54 3.76 20.76
N GLU B 436 4.72 4.19 22.02
CA GLU B 436 5.23 5.52 22.27
C GLU B 436 6.64 5.69 21.72
N SER B 437 7.48 4.65 21.91
CA SER B 437 8.85 4.65 21.42
C SER B 437 8.90 4.63 19.90
N TYR B 438 8.01 3.87 19.27
CA TYR B 438 8.00 3.80 17.81
C TYR B 438 7.68 5.16 17.20
N TYR B 439 6.69 5.85 17.78
CA TYR B 439 6.34 7.17 17.26
C TYR B 439 7.53 8.11 17.36
N LYS B 440 8.18 8.14 18.53
CA LYS B 440 9.30 9.06 18.71
C LYS B 440 10.46 8.71 17.79
N LEU B 441 10.76 7.41 17.64
CA LEU B 441 11.84 6.98 16.74
C LEU B 441 11.55 7.39 15.31
N ASP B 442 10.32 7.14 14.85
CA ASP B 442 9.92 7.48 13.49
C ASP B 442 10.08 8.96 13.22
N LYS B 443 9.64 9.79 14.16
CA LYS B 443 9.83 11.23 14.05
C LYS B 443 11.32 11.58 13.98
N LYS B 444 12.15 10.93 14.80
CA LYS B 444 13.57 11.19 14.74
C LYS B 444 14.14 10.82 13.38
N ILE B 445 13.72 9.67 12.83
CA ILE B 445 14.28 9.18 11.57
C ILE B 445 13.92 10.09 10.42
N ILE B 446 12.64 10.49 10.32
CA ILE B 446 12.24 11.27 9.16
C ILE B 446 12.74 12.71 9.28
N SER B 447 12.80 13.27 10.50
CA SER B 447 13.35 14.61 10.68
C SER B 447 14.80 14.70 10.23
N PHE B 448 15.62 13.73 10.64
CA PHE B 448 17.03 13.75 10.24
C PHE B 448 17.17 13.48 8.74
N TYR B 449 16.37 12.57 8.20
CA TYR B 449 16.43 12.34 6.76
C TYR B 449 16.07 13.62 6.00
N ASN B 450 15.08 14.37 6.47
CA ASN B 450 14.74 15.64 5.84
C ASN B 450 15.92 16.61 5.95
N ARG B 451 16.51 16.72 7.14
CA ARG B 451 17.69 17.58 7.33
C ARG B 451 18.74 17.28 6.27
N LYS B 452 19.05 16.00 6.08
CA LYS B 452 20.13 15.61 5.18
C LYS B 452 19.78 15.84 3.72
N GLN B 453 18.52 15.68 3.34
CA GLN B 453 18.12 16.00 1.97
C GLN B 453 18.09 17.50 1.75
N LYS B 454 17.60 18.25 2.74
CA LYS B 454 17.58 19.70 2.63
C LYS B 454 19.00 20.26 2.49
N ALA B 455 19.95 19.68 3.21
CA ALA B 455 21.34 20.09 3.06
C ALA B 455 21.79 19.89 1.62
N GLU B 456 21.52 20.88 0.77
CA GLU B 456 21.92 20.84 -0.63
C GLU B 456 22.28 22.24 -1.14
C1 IHP C . -8.77 6.54 -10.04
C2 IHP C . -8.14 7.89 -9.69
C3 IHP C . -9.13 8.78 -8.93
C4 IHP C . -9.67 8.06 -7.70
C5 IHP C . -10.33 6.72 -8.03
C6 IHP C . -9.38 5.83 -8.85
O11 IHP C . -7.76 5.72 -10.60
P1 IHP C . -7.89 5.02 -12.05
O21 IHP C . -8.88 5.81 -12.85
O31 IHP C . -8.36 3.60 -11.76
O41 IHP C . -6.49 5.07 -12.61
O12 IHP C . -7.70 8.52 -10.90
P2 IHP C . -6.49 9.61 -10.87
O22 IHP C . -5.93 9.50 -12.25
O32 IHP C . -7.21 10.89 -10.54
O42 IHP C . -5.54 9.19 -9.78
O13 IHP C . -10.21 9.18 -9.77
P3 IHP C . -10.47 10.77 -10.10
O23 IHP C . -9.45 11.11 -11.16
O33 IHP C . -11.88 10.85 -10.62
O43 IHP C . -10.31 11.53 -8.80
O14 IHP C . -10.59 8.96 -7.07
P4 IHP C . -10.34 9.47 -5.56
O24 IHP C . -10.50 8.22 -4.71
O34 IHP C . -8.94 10.03 -5.54
O44 IHP C . -11.38 10.56 -5.41
O15 IHP C . -10.70 6.03 -6.83
P5 IHP C . -12.21 5.65 -6.35
O25 IHP C . -13.12 6.02 -7.48
O35 IHP C . -12.14 4.16 -6.12
O45 IHP C . -12.37 6.45 -5.08
O16 IHP C . -10.16 4.74 -9.34
P6 IHP C . -10.03 3.21 -8.89
O26 IHP C . -11.25 2.56 -9.54
O36 IHP C . -8.75 2.70 -9.47
O46 IHP C . -10.08 3.17 -7.39
H1 IHP C . -9.57 6.71 -10.78
H2 IHP C . -7.27 7.70 -9.04
H3 IHP C . -8.58 9.67 -8.59
H4 IHP C . -8.83 7.87 -7.00
H5 IHP C . -11.23 6.92 -8.63
H6 IHP C . -8.58 5.46 -8.20
PB ADP D . -9.60 14.80 -11.52
O1B ADP D . -10.35 13.51 -11.28
O2B ADP D . -8.40 14.99 -10.63
O3B ADP D . -9.29 15.06 -12.98
PA ADP D . -11.99 16.28 -12.00
O1A ADP D . -12.89 15.07 -11.90
O2A ADP D . -11.56 16.79 -13.37
O3A ADP D . -10.66 15.97 -11.12
O5' ADP D . -12.72 17.54 -11.24
C5' ADP D . -12.87 17.65 -9.81
C4' ADP D . -14.23 18.26 -9.44
O4' ADP D . -14.49 19.57 -9.96
C3' ADP D . -15.37 17.37 -9.92
O3' ADP D . -15.67 16.39 -8.92
C2' ADP D . -16.48 18.33 -10.22
O2' ADP D . -17.38 18.58 -9.15
C1' ADP D . -15.81 19.66 -10.49
N9 ADP D . -15.76 19.90 -11.95
C8 ADP D . -14.83 19.40 -12.79
N7 ADP D . -15.06 19.82 -14.07
C5 ADP D . -16.16 20.60 -14.04
C6 ADP D . -16.94 21.36 -15.02
N6 ADP D . -16.57 21.35 -16.31
N1 ADP D . -18.03 22.04 -14.59
C2 ADP D . -18.40 22.05 -13.30
N3 ADP D . -17.73 21.37 -12.35
C4 ADP D . -16.63 20.64 -12.65
H5'1 ADP D . -12.07 18.28 -9.42
H5'2 ADP D . -12.78 16.66 -9.37
H4' ADP D . -14.27 18.30 -8.33
H3' ADP D . -15.05 16.87 -10.84
HO3' ADP D . -16.40 15.84 -9.24
H2' ADP D . -17.03 18.01 -11.13
HO2' ADP D . -17.81 17.74 -8.89
H1' ADP D . -16.37 20.46 -9.99
H8 ADP D . -14.01 18.76 -12.49
HN61 ADP D . -17.12 21.87 -16.99
HN62 ADP D . -15.76 20.83 -16.59
H2 ADP D . -19.28 22.61 -13.01
MG MG E . -8.64 12.19 -13.11
ZN ZN F . 2.14 -13.80 -18.80
C1 IHP G . 13.92 -4.07 17.09
C2 IHP G . 14.66 -4.72 18.25
C3 IHP G . 15.94 -5.44 17.78
C4 IHP G . 16.86 -4.49 17.00
C5 IHP G . 16.14 -3.83 15.84
C6 IHP G . 14.85 -3.16 16.28
O11 IHP G . 12.85 -3.31 17.64
P1 IHP G . 11.30 -3.45 17.22
O21 IHP G . 11.08 -4.76 16.54
O31 IHP G . 11.07 -2.25 16.31
O41 IHP G . 10.52 -3.28 18.51
O12 IHP G . 13.76 -5.65 18.89
P2 IHP G . 13.89 -6.04 20.47
O22 IHP G . 12.46 -6.39 20.81
O32 IHP G . 14.88 -7.16 20.36
O42 IHP G . 14.39 -4.83 21.21
O13 IHP G . 15.62 -6.58 16.97
P3 IHP G . 16.09 -8.10 17.38
O23 IHP G . 16.61 -7.97 18.79
O33 IHP G . 14.80 -8.88 17.26
O43 IHP G . 17.17 -8.52 16.42
O14 IHP G . 17.96 -5.27 16.53
P4 IHP G . 19.46 -4.87 16.97
O24 IHP G . 19.76 -3.53 16.33
O34 IHP G . 19.40 -4.81 18.46
O44 IHP G . 20.29 -5.97 16.39
O15 IHP G . 17.02 -2.88 15.20
P5 IHP G . 17.57 -2.98 13.67
O25 IHP G . 16.82 -4.09 12.98
O35 IHP G . 17.18 -1.63 13.11
O45 IHP G . 19.04 -3.21 13.79
O16 IHP G . 14.10 -2.81 15.12
P6 IHP G . 13.80 -1.33 14.62
O26 IHP G . 13.27 -1.56 13.24
O36 IHP G . 12.82 -0.71 15.60
O46 IHP G . 15.13 -0.59 14.63
H1 IHP G . 13.53 -4.85 16.44
H2 IHP G . 14.94 -3.95 18.97
H3 IHP G . 16.49 -5.78 18.67
H4 IHP G . 17.22 -3.71 17.69
H5 IHP G . 15.87 -4.61 15.12
H6 IHP G . 15.08 -2.26 16.87
PB ADP H . 16.50 -11.82 19.72
O1B ADP H . 15.10 -12.41 19.73
O2B ADP H . 16.76 -10.83 18.60
O3B ADP H . 16.94 -11.35 21.09
PA ADP H . 17.03 -14.15 18.23
O1A ADP H . 15.91 -15.02 18.80
O2A ADP H . 16.78 -13.40 16.94
O3A ADP H . 17.46 -13.07 19.35
O5' ADP H . 18.34 -15.08 18.01
C5' ADP H . 19.67 -14.62 18.15
C4' ADP H . 20.59 -15.34 17.17
O4' ADP H . 20.67 -16.75 17.44
C3' ADP H . 20.11 -15.20 15.73
O3' ADP H . 20.72 -14.06 15.13
C2' ADP H . 20.48 -16.51 15.08
O2' ADP H . 21.76 -16.43 14.44
C1' ADP H . 20.61 -17.49 16.22
N9 ADP H . 19.43 -18.38 16.30
C8 ADP H . 18.27 -18.07 16.91
N7 ADP H . 17.40 -19.10 16.83
C5 ADP H . 18.02 -20.09 16.16
C6 ADP H . 17.66 -21.45 15.73
N6 ADP H . 16.43 -21.92 16.02
N1 ADP H . 18.58 -22.17 15.05
C2 ADP H . 19.79 -21.68 14.78
N3 ADP H . 20.19 -20.45 15.15
C4 ADP H . 19.36 -19.62 15.82
H5'1 ADP H . 20.02 -14.80 19.18
H5'2 ADP H . 19.72 -13.55 17.97
H4' ADP H . 21.60 -14.90 17.24
H3' ADP H . 19.02 -15.09 15.73
HO3' ADP H . 20.42 -13.97 14.21
H2' ADP H . 19.70 -16.82 14.38
HO2' ADP H . 21.73 -15.75 13.74
H1' ADP H . 21.53 -18.09 16.09
H8 ADP H . 18.07 -17.12 17.39
HN61 ADP H . 16.16 -22.86 15.74
HN62 ADP H . 15.78 -21.34 16.53
H2 ADP H . 20.50 -22.30 14.23
MG MG I . 13.75 -10.00 19.12
MG MG J . 15.31 -11.30 13.98
ZN ZN K . -5.07 11.88 18.25
C TRS L . -13.25 5.99 21.20
C1 TRS L . -14.67 5.51 20.87
C2 TRS L . -12.24 5.46 20.17
C3 TRS L . -12.89 5.49 22.60
N TRS L . -13.17 7.46 21.18
O1 TRS L . -15.16 6.17 19.71
O2 TRS L . -12.26 4.07 20.12
O3 TRS L . -11.63 6.02 22.94
H11 TRS L . -15.32 5.73 21.70
H12 TRS L . -14.67 4.44 20.71
H21 TRS L . -11.24 5.81 20.44
H22 TRS L . -12.46 5.88 19.19
H31 TRS L . -13.64 5.82 23.30
H32 TRS L . -12.86 4.41 22.60
HN1 TRS L . -13.80 7.91 21.85
HN2 TRS L . -13.19 7.87 20.26
HN3 TRS L . -12.24 7.66 21.54
HO1 TRS L . -14.48 6.78 19.36
HO2 TRS L . -11.61 3.75 19.45
HO3 TRS L . -11.38 5.71 23.84
#